data_5O1O
#
_entry.id   5O1O
#
_cell.length_a   92.374
_cell.length_b   102.414
_cell.length_c   142.074
_cell.angle_alpha   90.00
_cell.angle_beta   90.00
_cell.angle_gamma   90.00
#
_symmetry.space_group_name_H-M   'P 21 21 21'
#
loop_
_entity.id
_entity.type
_entity.pdbx_description
1 polymer 'Alpha-aminoadipic semialdehyde synthase, mitochondrial'
2 non-polymer 1,2-ETHANEDIOL
3 non-polymer PROLINE
4 water water
#
_entity_poly.entity_id   1
_entity_poly.type   'polypeptide(L)'
_entity_poly.pdbx_seq_one_letter_code
;MGHHHHHHSSGVDLGTENLYFQSMALPDKYKYIQTLRESRERAQSLSMGTRRKVLVLGSGYISEPVLEYLSRDGNIEITV
GSDMKNQIEQLGKKYNINPVSMDICKQEEKLGFLVAKQDLVISLLPYVLHPLVAKACITNKVNMVTASYITPALKELEKS
VEDAGITIIGELGLDPGLDHMLAMESIDKAKEVGATIESYISYCGGLPAPEHSNNPLRYKFSWSPVGVLMNVMQSATYLL
DGKVVNVAGGISFLDAVTSMDFFPGLNLEGYPNRDSTKYAEIYGISSAHTLLRGTLRYKGYMKALNGFVKLGLINREALP
AFRPEANPLTWKQLLCDLVGISPSSEHDVLKEAVLKKLGGDNTQLEAAEWLGLLGDEQVPQAESILDALSKHLVMKLSYG
PEEKDMIVMRDSFGIRHPSGHLEHKTIDLVAYGDINGFSAMAKTVGLPTAMAAKMLLDGEIGAKGLMGPFSKEIYGPILE
RIKAEGIIYTTQSTIKP
;
_entity_poly.pdbx_strand_id   A,B
#
# COMPACT_ATOMS: atom_id res chain seq x y z
N ARG A 52 -19.18 -31.45 12.09
CA ARG A 52 -18.05 -30.73 12.76
C ARG A 52 -16.74 -31.54 12.68
N LYS A 53 -16.23 -31.70 11.47
CA LYS A 53 -14.98 -32.43 11.21
C LYS A 53 -14.49 -32.17 9.79
N VAL A 54 -13.23 -31.75 9.66
CA VAL A 54 -12.65 -31.39 8.36
C VAL A 54 -11.18 -31.83 8.26
N LEU A 55 -10.78 -32.29 7.06
CA LEU A 55 -9.41 -32.71 6.77
C LEU A 55 -8.77 -31.73 5.80
N VAL A 56 -7.59 -31.22 6.15
CA VAL A 56 -6.85 -30.27 5.32
C VAL A 56 -5.61 -30.97 4.73
N LEU A 57 -5.76 -31.49 3.51
CA LEU A 57 -4.64 -32.13 2.80
C LEU A 57 -3.69 -31.07 2.25
N GLY A 58 -2.55 -30.89 2.94
CA GLY A 58 -1.55 -29.87 2.60
C GLY A 58 -1.22 -29.03 3.83
N SER A 59 0.04 -28.62 3.93
CA SER A 59 0.54 -27.88 5.10
C SER A 59 1.53 -26.78 4.70
N GLY A 60 1.23 -26.09 3.60
CA GLY A 60 2.17 -25.12 2.99
C GLY A 60 1.78 -23.67 3.19
N TYR A 61 1.81 -22.90 2.10
CA TYR A 61 1.61 -21.46 2.12
C TYR A 61 0.13 -21.09 2.34
N ILE A 62 -0.76 -21.78 1.64
CA ILE A 62 -2.20 -21.46 1.63
C ILE A 62 -2.92 -22.00 2.88
N SER A 63 -2.37 -23.03 3.51
CA SER A 63 -3.01 -23.69 4.65
C SER A 63 -3.18 -22.82 5.91
N GLU A 64 -2.25 -21.90 6.15
CA GLU A 64 -2.26 -21.07 7.37
C GLU A 64 -3.49 -20.15 7.53
N PRO A 65 -3.84 -19.36 6.49
CA PRO A 65 -5.06 -18.54 6.59
C PRO A 65 -6.38 -19.34 6.59
N VAL A 66 -6.37 -20.56 6.06
CA VAL A 66 -7.55 -21.44 6.08
C VAL A 66 -7.84 -21.95 7.50
N LEU A 67 -6.79 -22.34 8.21
CA LEU A 67 -6.91 -22.80 9.61
C LEU A 67 -7.35 -21.67 10.55
N GLU A 68 -6.84 -20.47 10.33
CA GLU A 68 -7.16 -19.29 11.16
C GLU A 68 -8.65 -18.94 11.07
N TYR A 69 -9.19 -18.96 9.86
CA TYR A 69 -10.61 -18.61 9.62
C TYR A 69 -11.58 -19.61 10.24
N LEU A 70 -11.30 -20.90 10.08
CA LEU A 70 -12.15 -21.97 10.64
C LEU A 70 -12.09 -22.06 12.18
N SER A 71 -10.94 -21.73 12.76
CA SER A 71 -10.74 -21.79 14.21
C SER A 71 -11.39 -20.63 15.02
N ARG A 72 -11.92 -19.62 14.34
CA ARG A 72 -12.61 -18.50 15.01
C ARG A 72 -13.87 -18.93 15.76
N ASP A 73 -14.73 -19.69 15.07
CA ASP A 73 -16.02 -20.11 15.61
C ASP A 73 -15.86 -21.10 16.76
N GLY A 74 -14.95 -22.06 16.60
CA GLY A 74 -14.63 -23.01 17.66
C GLY A 74 -15.66 -24.11 17.81
N ASN A 75 -15.93 -24.81 16.72
CA ASN A 75 -16.88 -25.94 16.71
C ASN A 75 -16.60 -26.88 15.53
N ILE A 76 -15.34 -27.29 15.39
CA ILE A 76 -14.89 -28.13 14.28
C ILE A 76 -13.56 -28.82 14.59
N GLU A 77 -13.50 -30.13 14.34
CA GLU A 77 -12.30 -30.94 14.59
C GLU A 77 -11.43 -30.95 13.33
N ILE A 78 -10.41 -30.10 13.33
CA ILE A 78 -9.57 -29.87 12.15
C ILE A 78 -8.37 -30.83 12.13
N THR A 79 -8.40 -31.78 11.19
CA THR A 79 -7.29 -32.69 10.93
C THR A 79 -6.44 -32.12 9.79
N VAL A 80 -5.13 -32.40 9.82
CA VAL A 80 -4.19 -31.94 8.79
C VAL A 80 -3.31 -33.10 8.33
N GLY A 81 -3.20 -33.26 7.01
CA GLY A 81 -2.38 -34.33 6.40
C GLY A 81 -1.37 -33.75 5.43
N SER A 82 -0.11 -34.16 5.57
CA SER A 82 0.98 -33.64 4.73
C SER A 82 2.22 -34.53 4.75
N ASP A 83 3.11 -34.28 3.78
CA ASP A 83 4.39 -34.98 3.66
C ASP A 83 5.47 -34.35 4.55
N MET A 84 5.48 -33.02 4.61
CA MET A 84 6.52 -32.27 5.33
C MET A 84 6.31 -32.36 6.84
N LYS A 85 7.17 -33.11 7.51
CA LYS A 85 7.11 -33.31 8.97
C LYS A 85 7.52 -32.05 9.76
N ASN A 86 8.45 -31.27 9.21
CA ASN A 86 8.89 -30.02 9.83
C ASN A 86 7.79 -28.94 9.81
N GLN A 87 6.99 -28.90 8.73
CA GLN A 87 5.92 -27.92 8.58
C GLN A 87 4.73 -28.21 9.51
N ILE A 88 4.30 -29.46 9.56
CA ILE A 88 3.11 -29.86 10.34
C ILE A 88 3.29 -29.75 11.87
N GLU A 89 4.51 -29.97 12.35
CA GLU A 89 4.82 -29.82 13.78
C GLU A 89 4.83 -28.36 14.23
N GLN A 90 5.43 -27.49 13.41
CA GLN A 90 5.43 -26.04 13.67
C GLN A 90 4.02 -25.42 13.55
N LEU A 91 3.24 -25.93 12.59
CA LEU A 91 1.85 -25.49 12.40
C LEU A 91 0.94 -25.94 13.55
N GLY A 92 1.22 -27.11 14.12
CA GLY A 92 0.48 -27.63 15.28
C GLY A 92 0.68 -26.85 16.57
N LYS A 93 1.80 -26.13 16.68
CA LYS A 93 2.06 -25.27 17.85
C LYS A 93 1.17 -24.02 17.86
N LYS A 94 0.97 -23.41 16.69
CA LYS A 94 0.15 -22.20 16.56
C LYS A 94 -1.34 -22.51 16.70
N TYR A 95 -1.84 -23.40 15.84
CA TYR A 95 -3.27 -23.74 15.77
C TYR A 95 -3.52 -25.13 16.34
N ASN A 96 -4.67 -25.31 17.00
CA ASN A 96 -5.05 -26.60 17.58
C ASN A 96 -5.56 -27.53 16.49
N ILE A 97 -4.73 -28.50 16.11
CA ILE A 97 -5.05 -29.47 15.05
C ILE A 97 -4.58 -30.88 15.40
N ASN A 98 -5.04 -31.86 14.63
CA ASN A 98 -4.63 -33.26 14.75
C ASN A 98 -3.63 -33.59 13.63
N PRO A 99 -2.31 -33.61 13.93
CA PRO A 99 -1.33 -33.87 12.88
C PRO A 99 -1.27 -35.35 12.50
N VAL A 100 -1.28 -35.63 11.19
CA VAL A 100 -1.22 -37.00 10.66
C VAL A 100 -0.23 -37.04 9.49
N SER A 101 0.85 -37.80 9.65
CA SER A 101 1.81 -38.02 8.57
C SER A 101 1.21 -39.02 7.59
N MET A 102 1.02 -38.60 6.33
CA MET A 102 0.36 -39.43 5.33
C MET A 102 0.71 -39.02 3.90
N ASP A 103 1.28 -39.95 3.13
CA ASP A 103 1.51 -39.78 1.70
C ASP A 103 0.20 -40.06 0.95
N ILE A 104 0.00 -39.35 -0.16
CA ILE A 104 -1.26 -39.43 -0.91
C ILE A 104 -1.25 -40.65 -1.85
N CYS A 105 -0.19 -40.76 -2.64
CA CYS A 105 -0.10 -41.80 -3.68
C CYS A 105 0.27 -43.17 -3.10
N LYS A 106 1.28 -43.20 -2.24
CA LYS A 106 1.80 -44.46 -1.67
C LYS A 106 0.88 -45.08 -0.62
N GLN A 107 0.25 -44.23 0.21
CA GLN A 107 -0.61 -44.69 1.30
C GLN A 107 -2.08 -44.31 1.05
N GLU A 108 -2.65 -44.86 -0.02
CA GLU A 108 -4.06 -44.66 -0.36
C GLU A 108 -5.03 -45.42 0.56
N GLU A 109 -4.55 -46.49 1.20
CA GLU A 109 -5.39 -47.33 2.07
C GLU A 109 -5.92 -46.55 3.28
N LYS A 110 -5.00 -45.95 4.04
CA LYS A 110 -5.38 -45.16 5.22
C LYS A 110 -6.15 -43.86 4.89
N LEU A 111 -5.96 -43.34 3.68
CA LEU A 111 -6.72 -42.18 3.19
C LEU A 111 -8.21 -42.51 3.09
N GLY A 112 -8.52 -43.69 2.58
CA GLY A 112 -9.91 -44.17 2.49
C GLY A 112 -10.62 -44.28 3.84
N PHE A 113 -9.91 -44.77 4.84
CA PHE A 113 -10.44 -44.89 6.20
C PHE A 113 -10.54 -43.54 6.92
N LEU A 114 -9.55 -42.66 6.70
CA LEU A 114 -9.50 -41.34 7.33
C LEU A 114 -10.54 -40.37 6.76
N VAL A 115 -10.68 -40.35 5.44
CA VAL A 115 -11.64 -39.46 4.75
C VAL A 115 -13.10 -39.81 5.06
N ALA A 116 -13.38 -41.10 5.27
CA ALA A 116 -14.73 -41.57 5.63
C ALA A 116 -15.24 -41.02 6.98
N LYS A 117 -14.33 -40.75 7.92
CA LYS A 117 -14.68 -40.18 9.23
C LYS A 117 -15.07 -38.70 9.16
N GLN A 118 -14.53 -37.97 8.19
CA GLN A 118 -14.70 -36.51 8.10
C GLN A 118 -15.98 -36.12 7.35
N ASP A 119 -16.37 -34.85 7.48
CA ASP A 119 -17.52 -34.28 6.77
C ASP A 119 -17.10 -33.63 5.45
N LEU A 120 -16.01 -32.87 5.48
CA LEU A 120 -15.50 -32.13 4.32
C LEU A 120 -13.99 -32.35 4.17
N VAL A 121 -13.49 -32.23 2.93
CA VAL A 121 -12.07 -32.40 2.62
C VAL A 121 -11.54 -31.19 1.86
N ILE A 122 -10.65 -30.43 2.50
CA ILE A 122 -10.01 -29.25 1.88
C ILE A 122 -8.67 -29.68 1.27
N SER A 123 -8.66 -29.86 -0.05
CA SER A 123 -7.44 -30.27 -0.76
C SER A 123 -6.60 -29.04 -1.15
N LEU A 124 -5.45 -28.90 -0.50
CA LEU A 124 -4.48 -27.83 -0.82
C LEU A 124 -3.18 -28.43 -1.33
N LEU A 125 -3.30 -29.37 -2.27
CA LEU A 125 -2.17 -30.08 -2.86
C LEU A 125 -1.97 -29.63 -4.31
N PRO A 126 -0.87 -30.06 -4.96
CA PRO A 126 -0.73 -29.83 -6.40
C PRO A 126 -1.85 -30.46 -7.23
N TYR A 127 -2.19 -29.84 -8.36
CA TYR A 127 -3.39 -30.22 -9.14
C TYR A 127 -3.34 -31.59 -9.84
N VAL A 128 -2.15 -32.19 -9.94
CA VAL A 128 -2.01 -33.55 -10.45
C VAL A 128 -2.65 -34.62 -9.53
N LEU A 129 -2.69 -34.35 -8.22
CA LEU A 129 -3.15 -35.33 -7.22
C LEU A 129 -4.65 -35.27 -6.85
N HIS A 130 -5.43 -34.40 -7.49
CA HIS A 130 -6.86 -34.25 -7.16
C HIS A 130 -7.75 -35.47 -7.49
N PRO A 131 -7.46 -36.19 -8.60
CA PRO A 131 -8.20 -37.43 -8.89
C PRO A 131 -8.09 -38.52 -7.80
N LEU A 132 -6.96 -38.58 -7.11
CA LEU A 132 -6.77 -39.49 -5.97
C LEU A 132 -7.64 -39.09 -4.77
N VAL A 133 -7.73 -37.78 -4.51
CA VAL A 133 -8.52 -37.25 -3.40
C VAL A 133 -10.01 -37.33 -3.70
N ALA A 134 -10.39 -37.00 -4.94
CA ALA A 134 -11.78 -37.07 -5.40
C ALA A 134 -12.32 -38.50 -5.46
N LYS A 135 -11.45 -39.47 -5.78
CA LYS A 135 -11.83 -40.89 -5.82
C LYS A 135 -12.27 -41.43 -4.46
N ALA A 136 -11.60 -41.00 -3.40
CA ALA A 136 -11.98 -41.35 -2.03
C ALA A 136 -13.30 -40.72 -1.60
N CYS A 137 -13.56 -39.49 -2.06
CA CYS A 137 -14.79 -38.76 -1.71
C CYS A 137 -16.06 -39.38 -2.31
N ILE A 138 -16.00 -39.78 -3.58
CA ILE A 138 -17.16 -40.40 -4.26
C ILE A 138 -17.57 -41.76 -3.67
N THR A 139 -16.59 -42.53 -3.20
CA THR A 139 -16.85 -43.84 -2.58
C THR A 139 -17.37 -43.67 -1.16
N ASN A 140 -16.69 -42.84 -0.37
CA ASN A 140 -17.06 -42.59 1.04
C ASN A 140 -18.25 -41.65 1.22
N LYS A 141 -18.63 -40.91 0.18
CA LYS A 141 -19.77 -39.98 0.21
C LYS A 141 -19.52 -38.80 1.15
N VAL A 142 -18.54 -37.97 0.78
CA VAL A 142 -18.20 -36.75 1.54
C VAL A 142 -17.87 -35.61 0.56
N ASN A 143 -18.10 -34.38 1.01
CA ASN A 143 -17.89 -33.19 0.18
C ASN A 143 -16.40 -32.84 0.05
N MET A 144 -16.10 -31.97 -0.91
CA MET A 144 -14.72 -31.56 -1.22
C MET A 144 -14.66 -30.11 -1.69
N VAL A 145 -13.53 -29.45 -1.43
CA VAL A 145 -13.25 -28.10 -1.94
C VAL A 145 -11.78 -28.01 -2.39
N THR A 146 -11.53 -27.23 -3.42
CA THR A 146 -10.21 -27.12 -4.04
C THR A 146 -9.85 -25.65 -4.30
N ALA A 147 -8.56 -25.33 -4.22
CA ALA A 147 -8.05 -23.99 -4.49
C ALA A 147 -7.14 -24.02 -5.72
N SER A 148 -7.62 -24.66 -6.79
CA SER A 148 -6.80 -24.90 -7.99
C SER A 148 -7.65 -25.29 -9.20
N TYR A 149 -6.99 -25.43 -10.36
CA TYR A 149 -7.66 -25.74 -11.63
C TYR A 149 -8.41 -27.08 -11.60
N ILE A 150 -9.56 -27.11 -12.28
CA ILE A 150 -10.28 -28.35 -12.55
C ILE A 150 -9.71 -28.93 -13.85
N THR A 151 -8.85 -29.94 -13.72
CA THR A 151 -8.13 -30.53 -14.86
C THR A 151 -9.04 -31.44 -15.70
N PRO A 152 -8.58 -31.80 -16.93
CA PRO A 152 -9.27 -32.81 -17.74
C PRO A 152 -9.46 -34.17 -17.06
N ALA A 153 -8.50 -34.58 -16.23
CA ALA A 153 -8.60 -35.82 -15.45
C ALA A 153 -9.73 -35.77 -14.42
N LEU A 154 -9.86 -34.64 -13.72
CA LEU A 154 -10.94 -34.43 -12.76
C LEU A 154 -12.32 -34.28 -13.43
N LYS A 155 -12.33 -33.78 -14.66
CA LYS A 155 -13.57 -33.64 -15.45
C LYS A 155 -14.21 -35.00 -15.81
N GLU A 156 -13.39 -36.04 -15.96
CA GLU A 156 -13.90 -37.40 -16.24
C GLU A 156 -14.71 -38.00 -15.07
N LEU A 157 -14.37 -37.60 -13.84
CA LEU A 157 -15.09 -38.07 -12.64
C LEU A 157 -16.48 -37.43 -12.44
N GLU A 158 -16.75 -36.32 -13.12
CA GLU A 158 -18.04 -35.58 -13.01
C GLU A 158 -19.29 -36.45 -13.06
N LYS A 159 -19.26 -37.49 -13.91
CA LYS A 159 -20.36 -38.46 -13.99
C LYS A 159 -20.49 -39.27 -12.69
N SER A 160 -19.37 -39.72 -12.15
CA SER A 160 -19.34 -40.47 -10.89
C SER A 160 -19.68 -39.61 -9.66
N VAL A 161 -19.34 -38.33 -9.69
CA VAL A 161 -19.55 -37.41 -8.55
C VAL A 161 -21.05 -37.14 -8.31
N GLU A 162 -21.79 -36.89 -9.39
CA GLU A 162 -23.24 -36.66 -9.30
C GLU A 162 -24.02 -37.92 -8.88
N ASP A 163 -23.53 -39.10 -9.26
CA ASP A 163 -24.13 -40.38 -8.84
C ASP A 163 -23.96 -40.63 -7.35
N ALA A 164 -22.78 -40.29 -6.81
CA ALA A 164 -22.50 -40.43 -5.38
C ALA A 164 -23.32 -39.49 -4.48
N GLY A 165 -23.77 -38.36 -5.04
CA GLY A 165 -24.62 -37.42 -4.33
C GLY A 165 -23.84 -36.56 -3.35
N ILE A 166 -22.79 -35.91 -3.87
CA ILE A 166 -21.91 -35.05 -3.09
C ILE A 166 -21.54 -33.77 -3.86
N THR A 167 -21.04 -32.78 -3.13
CA THR A 167 -20.65 -31.48 -3.70
C THR A 167 -19.13 -31.39 -3.79
N ILE A 168 -18.61 -31.04 -4.97
CA ILE A 168 -17.19 -30.81 -5.19
C ILE A 168 -16.97 -29.47 -5.90
N ILE A 169 -16.63 -28.44 -5.12
CA ILE A 169 -16.35 -27.10 -5.65
C ILE A 169 -14.87 -27.03 -6.03
N GLY A 170 -14.57 -26.35 -7.13
CA GLY A 170 -13.20 -26.17 -7.62
C GLY A 170 -12.93 -24.76 -8.13
N GLU A 171 -11.68 -24.52 -8.51
CA GLU A 171 -11.22 -23.23 -9.05
C GLU A 171 -11.55 -22.05 -8.12
N LEU A 172 -11.09 -22.15 -6.88
CA LEU A 172 -11.21 -21.08 -5.88
C LEU A 172 -9.85 -20.45 -5.63
N GLY A 173 -9.86 -19.26 -5.04
CA GLY A 173 -8.64 -18.51 -4.71
C GLY A 173 -8.55 -17.20 -5.47
N LEU A 174 -7.34 -16.86 -5.93
CA LEU A 174 -7.09 -15.61 -6.65
C LEU A 174 -7.36 -15.78 -8.15
N ASP A 175 -6.63 -16.70 -8.77
CA ASP A 175 -6.72 -16.96 -10.21
C ASP A 175 -6.19 -18.36 -10.53
N PRO A 176 -7.05 -19.34 -10.84
CA PRO A 176 -8.50 -19.19 -10.99
C PRO A 176 -9.25 -19.09 -9.65
N GLY A 177 -10.17 -18.14 -9.56
CA GLY A 177 -10.96 -17.94 -8.33
C GLY A 177 -11.72 -16.63 -8.30
N LEU A 178 -11.11 -15.61 -7.68
CA LEU A 178 -11.74 -14.28 -7.55
C LEU A 178 -11.95 -13.58 -8.90
N ASP A 179 -11.11 -13.90 -9.88
CA ASP A 179 -11.30 -13.42 -11.26
C ASP A 179 -12.62 -13.87 -11.89
N HIS A 180 -13.05 -15.09 -11.57
CA HIS A 180 -14.34 -15.62 -12.05
C HIS A 180 -15.52 -14.94 -11.34
N MET A 181 -15.36 -14.69 -10.03
CA MET A 181 -16.43 -14.14 -9.20
C MET A 181 -16.75 -12.69 -9.56
N LEU A 182 -15.71 -11.86 -9.74
CA LEU A 182 -15.87 -10.47 -10.17
C LEU A 182 -16.47 -10.37 -11.58
N ALA A 183 -16.02 -11.26 -12.48
CA ALA A 183 -16.51 -11.29 -13.86
C ALA A 183 -17.99 -11.67 -13.93
N MET A 184 -18.34 -12.78 -13.30
CA MET A 184 -19.73 -13.30 -13.34
C MET A 184 -20.74 -12.42 -12.59
N GLU A 185 -20.31 -11.74 -11.53
CA GLU A 185 -21.14 -10.74 -10.86
C GLU A 185 -21.58 -9.66 -11.85
N SER A 186 -20.63 -9.14 -12.61
CA SER A 186 -20.87 -8.08 -13.59
C SER A 186 -21.63 -8.57 -14.83
N ILE A 187 -21.32 -9.79 -15.28
CA ILE A 187 -21.98 -10.39 -16.45
C ILE A 187 -23.45 -10.76 -16.15
N ASP A 188 -23.70 -11.34 -14.97
CA ASP A 188 -25.08 -11.66 -14.55
C ASP A 188 -25.93 -10.40 -14.38
N LYS A 189 -25.36 -9.35 -13.80
CA LYS A 189 -26.04 -8.05 -13.67
C LYS A 189 -26.42 -7.44 -15.04
N ALA A 190 -25.57 -7.63 -16.04
CA ALA A 190 -25.83 -7.15 -17.40
C ALA A 190 -26.99 -7.92 -18.05
N LYS A 191 -26.93 -9.25 -17.97
CA LYS A 191 -27.96 -10.13 -18.56
C LYS A 191 -29.32 -10.05 -17.84
N GLU A 192 -29.32 -9.67 -16.57
CA GLU A 192 -30.59 -9.42 -15.83
C GLU A 192 -31.41 -8.28 -16.41
N VAL A 193 -30.74 -7.23 -16.90
CA VAL A 193 -31.41 -6.07 -17.50
C VAL A 193 -31.44 -6.09 -19.05
N GLY A 194 -31.25 -7.27 -19.64
CA GLY A 194 -31.30 -7.43 -21.10
C GLY A 194 -30.13 -6.87 -21.88
N ALA A 195 -28.99 -6.64 -21.21
CA ALA A 195 -27.79 -6.11 -21.85
C ALA A 195 -26.91 -7.24 -22.38
N THR A 196 -25.92 -6.86 -23.19
CA THR A 196 -24.97 -7.82 -23.78
C THR A 196 -23.53 -7.34 -23.60
N ILE A 197 -22.62 -8.29 -23.45
CA ILE A 197 -21.20 -8.00 -23.23
C ILE A 197 -20.51 -7.87 -24.58
N GLU A 198 -19.99 -6.67 -24.85
CA GLU A 198 -19.27 -6.38 -26.10
C GLU A 198 -17.75 -6.49 -25.96
N SER A 199 -17.22 -6.07 -24.82
CA SER A 199 -15.78 -6.19 -24.54
C SER A 199 -15.50 -6.57 -23.09
N TYR A 200 -14.44 -7.35 -22.88
CA TYR A 200 -13.98 -7.76 -21.54
C TYR A 200 -12.46 -7.75 -21.48
N ILE A 201 -11.90 -6.71 -20.86
CA ILE A 201 -10.47 -6.54 -20.68
C ILE A 201 -10.15 -6.69 -19.18
N SER A 202 -9.24 -7.59 -18.85
CA SER A 202 -8.92 -7.92 -17.45
C SER A 202 -7.41 -8.04 -17.22
N TYR A 203 -6.96 -7.58 -16.05
CA TYR A 203 -5.55 -7.60 -15.67
C TYR A 203 -5.41 -7.89 -14.18
N CYS A 204 -4.39 -8.68 -13.81
CA CYS A 204 -4.11 -9.01 -12.40
C CYS A 204 -2.63 -9.30 -12.18
N GLY A 205 -2.11 -8.86 -11.03
CA GLY A 205 -0.70 -9.07 -10.70
C GLY A 205 -0.41 -9.09 -9.21
N GLY A 206 0.38 -10.08 -8.78
CA GLY A 206 0.86 -10.16 -7.40
C GLY A 206 2.25 -9.60 -7.32
N LEU A 207 2.42 -8.50 -6.57
CA LEU A 207 3.67 -7.74 -6.53
C LEU A 207 4.08 -7.41 -5.10
N PRO A 208 5.32 -6.91 -4.91
CA PRO A 208 5.66 -6.25 -3.64
C PRO A 208 4.95 -4.90 -3.50
N ALA A 209 4.83 -4.43 -2.27
CA ALA A 209 4.32 -3.07 -2.01
C ALA A 209 5.33 -2.05 -2.56
N PRO A 210 4.85 -0.89 -3.06
CA PRO A 210 5.72 0.11 -3.73
C PRO A 210 7.03 0.44 -3.00
N GLU A 211 6.97 0.53 -1.67
CA GLU A 211 8.14 0.83 -0.83
C GLU A 211 9.30 -0.19 -0.94
N HIS A 212 8.99 -1.44 -1.29
CA HIS A 212 9.99 -2.50 -1.46
C HIS A 212 10.30 -2.82 -2.93
N SER A 213 10.15 -1.83 -3.82
CA SER A 213 10.34 -2.03 -5.27
C SER A 213 11.68 -1.52 -5.82
N ASN A 214 12.62 -1.18 -4.94
CA ASN A 214 13.89 -0.57 -5.37
C ASN A 214 14.96 -1.63 -5.65
N ASN A 215 14.81 -2.28 -6.81
CA ASN A 215 15.80 -3.23 -7.33
C ASN A 215 15.61 -3.39 -8.86
N PRO A 216 16.63 -3.90 -9.58
CA PRO A 216 16.57 -3.99 -11.06
C PRO A 216 15.31 -4.61 -11.67
N LEU A 217 14.74 -5.62 -11.00
CA LEU A 217 13.50 -6.28 -11.47
C LEU A 217 12.20 -5.64 -10.92
N ARG A 218 12.31 -4.86 -9.84
CA ARG A 218 11.15 -4.33 -9.11
C ARG A 218 10.22 -5.47 -8.67
N TYR A 219 10.81 -6.51 -8.11
CA TYR A 219 10.09 -7.75 -7.78
C TYR A 219 10.83 -8.54 -6.70
N LYS A 220 10.07 -9.37 -5.97
CA LYS A 220 10.63 -10.28 -4.98
C LYS A 220 9.93 -11.64 -5.09
N PHE A 221 10.72 -12.71 -5.06
CA PHE A 221 10.20 -14.07 -5.26
C PHE A 221 9.97 -14.77 -3.92
N SER A 222 8.82 -15.43 -3.80
CA SER A 222 8.50 -16.28 -2.64
C SER A 222 9.17 -17.64 -2.76
N TRP A 223 9.16 -18.19 -3.98
CA TRP A 223 9.78 -19.49 -4.29
C TRP A 223 10.53 -19.43 -5.63
N SER A 224 11.28 -20.49 -5.93
CA SER A 224 12.12 -20.56 -7.14
C SER A 224 11.29 -20.44 -8.43
N PRO A 225 11.54 -19.37 -9.23
CA PRO A 225 10.79 -19.15 -10.47
C PRO A 225 11.35 -19.96 -11.65
N VAL A 226 11.11 -21.27 -11.63
CA VAL A 226 11.55 -22.17 -12.70
C VAL A 226 10.51 -22.19 -13.81
N GLY A 227 9.26 -22.42 -13.43
CA GLY A 227 8.13 -22.40 -14.36
C GLY A 227 7.74 -21.01 -14.87
N VAL A 228 8.03 -19.97 -14.07
CA VAL A 228 7.62 -18.60 -14.41
C VAL A 228 8.48 -18.01 -15.53
N LEU A 229 9.80 -18.13 -15.40
CA LEU A 229 10.74 -17.51 -16.35
C LEU A 229 10.69 -18.11 -17.75
N MET A 230 10.37 -19.39 -17.87
CA MET A 230 10.27 -20.07 -19.17
C MET A 230 9.00 -19.69 -19.95
N ASN A 231 7.99 -19.17 -19.25
CA ASN A 231 6.74 -18.70 -19.91
C ASN A 231 6.89 -17.40 -20.71
N VAL A 232 8.02 -16.71 -20.57
CA VAL A 232 8.35 -15.55 -21.42
C VAL A 232 8.55 -15.99 -22.89
N MET A 233 9.06 -17.20 -23.08
CA MET A 233 9.26 -17.76 -24.43
C MET A 233 7.96 -18.17 -25.13
N GLN A 234 6.90 -18.42 -24.36
CA GLN A 234 5.59 -18.81 -24.91
C GLN A 234 4.88 -17.64 -25.57
N SER A 235 3.96 -17.96 -26.49
CA SER A 235 3.15 -16.96 -27.20
C SER A 235 1.91 -16.57 -26.39
N ALA A 236 1.21 -15.54 -26.88
CA ALA A 236 -0.05 -15.08 -26.31
C ALA A 236 -1.09 -14.91 -27.41
N THR A 237 -2.34 -15.24 -27.10
CA THR A 237 -3.46 -15.15 -28.04
C THR A 237 -4.66 -14.48 -27.38
N TYR A 238 -5.31 -13.56 -28.10
CA TYR A 238 -6.50 -12.87 -27.61
C TYR A 238 -7.36 -12.32 -28.76
N LEU A 239 -8.58 -11.91 -28.41
CA LEU A 239 -9.55 -11.37 -29.37
C LEU A 239 -9.58 -9.84 -29.29
N LEU A 240 -9.57 -9.18 -30.46
CA LEU A 240 -9.59 -7.72 -30.55
C LEU A 240 -10.41 -7.27 -31.76
N ASP A 241 -11.61 -6.73 -31.49
CA ASP A 241 -12.55 -6.25 -32.53
C ASP A 241 -12.90 -7.35 -33.54
N GLY A 242 -13.24 -8.54 -33.03
CA GLY A 242 -13.61 -9.68 -33.87
C GLY A 242 -12.47 -10.28 -34.69
N LYS A 243 -11.24 -10.16 -34.18
CA LYS A 243 -10.04 -10.67 -34.86
C LYS A 243 -9.12 -11.36 -33.86
N VAL A 244 -8.70 -12.59 -34.17
CA VAL A 244 -7.80 -13.35 -33.31
C VAL A 244 -6.36 -12.83 -33.49
N VAL A 245 -5.89 -12.07 -32.50
CA VAL A 245 -4.52 -11.54 -32.49
C VAL A 245 -3.58 -12.59 -31.89
N ASN A 246 -2.39 -12.70 -32.46
CA ASN A 246 -1.36 -13.64 -31.99
C ASN A 246 -0.04 -12.91 -31.80
N VAL A 247 0.49 -12.93 -30.59
CA VAL A 247 1.76 -12.26 -30.24
C VAL A 247 2.85 -13.32 -30.08
N ALA A 248 3.95 -13.16 -30.81
CA ALA A 248 5.09 -14.09 -30.75
C ALA A 248 5.89 -13.86 -29.46
N GLY A 249 6.32 -14.95 -28.83
CA GLY A 249 7.05 -14.90 -27.56
C GLY A 249 8.55 -14.70 -27.72
N GLY A 250 9.26 -14.81 -26.60
CA GLY A 250 10.72 -14.73 -26.60
C GLY A 250 11.26 -13.32 -26.68
N ILE A 251 12.22 -13.11 -27.58
CA ILE A 251 12.92 -11.81 -27.74
C ILE A 251 11.99 -10.68 -28.19
N SER A 252 11.01 -10.99 -29.05
CA SER A 252 10.08 -9.99 -29.59
C SER A 252 8.87 -9.70 -28.69
N PHE A 253 8.75 -10.41 -27.57
CA PHE A 253 7.60 -10.25 -26.66
C PHE A 253 7.60 -8.93 -25.88
N LEU A 254 8.76 -8.27 -25.79
CA LEU A 254 8.87 -6.94 -25.19
C LEU A 254 8.07 -5.86 -25.94
N ASP A 255 7.85 -6.06 -27.24
CA ASP A 255 7.04 -5.15 -28.05
C ASP A 255 5.57 -5.05 -27.59
N ALA A 256 5.03 -6.14 -27.05
CA ALA A 256 3.64 -6.19 -26.57
C ALA A 256 3.44 -5.68 -25.13
N VAL A 257 4.52 -5.34 -24.43
CA VAL A 257 4.43 -4.83 -23.06
C VAL A 257 4.11 -3.33 -23.10
N THR A 258 2.91 -2.98 -22.62
CA THR A 258 2.42 -1.59 -22.64
C THR A 258 2.29 -1.01 -21.24
N SER A 259 2.21 0.32 -21.16
CA SER A 259 2.04 1.04 -19.90
C SER A 259 0.59 0.96 -19.42
N MET A 260 0.41 0.83 -18.11
CA MET A 260 -0.90 0.74 -17.48
C MET A 260 -1.07 1.92 -16.52
N ASP A 261 -1.81 2.94 -16.97
CA ASP A 261 -1.93 4.21 -16.25
C ASP A 261 -3.32 4.44 -15.61
N PHE A 262 -4.01 3.35 -15.25
CA PHE A 262 -5.33 3.45 -14.59
C PHE A 262 -5.24 3.95 -13.14
N PHE A 263 -4.10 3.71 -12.48
CA PHE A 263 -3.75 4.36 -11.21
C PHE A 263 -2.54 5.27 -11.46
N PRO A 264 -2.75 6.61 -11.49
CA PRO A 264 -1.65 7.56 -11.71
C PRO A 264 -0.48 7.43 -10.73
N GLY A 265 -0.79 7.21 -9.45
CA GLY A 265 0.24 7.05 -8.42
C GLY A 265 1.11 5.80 -8.55
N LEU A 266 0.55 4.74 -9.14
CA LEU A 266 1.24 3.46 -9.27
C LEU A 266 1.82 3.30 -10.68
N ASN A 267 3.13 3.06 -10.76
CA ASN A 267 3.87 3.01 -12.03
C ASN A 267 3.96 1.56 -12.54
N LEU A 268 2.89 1.11 -13.20
CA LEU A 268 2.77 -0.28 -13.66
C LEU A 268 2.92 -0.43 -15.17
N GLU A 269 3.15 -1.69 -15.59
CA GLU A 269 3.11 -2.10 -17.00
C GLU A 269 2.26 -3.37 -17.11
N GLY A 270 1.89 -3.73 -18.33
CA GLY A 270 1.05 -4.91 -18.57
C GLY A 270 1.26 -5.58 -19.91
N TYR A 271 0.80 -6.82 -20.01
CA TYR A 271 0.96 -7.62 -21.23
C TYR A 271 -0.02 -8.81 -21.24
N PRO A 272 -0.45 -9.25 -22.44
CA PRO A 272 -1.35 -10.40 -22.53
C PRO A 272 -0.64 -11.70 -22.22
N ASN A 273 -1.38 -12.71 -21.72
CA ASN A 273 -0.77 -13.98 -21.30
C ASN A 273 -1.51 -15.20 -21.85
N ARG A 274 -0.72 -16.17 -22.34
CA ARG A 274 -1.21 -17.50 -22.74
C ARG A 274 -2.38 -17.50 -23.75
N ASP A 275 -3.60 -17.33 -23.25
CA ASP A 275 -4.81 -17.51 -24.04
C ASP A 275 -6.02 -16.83 -23.40
N SER A 276 -6.59 -15.83 -24.10
CA SER A 276 -7.78 -15.11 -23.65
C SER A 276 -9.08 -15.54 -24.33
N THR A 277 -8.98 -16.25 -25.46
CA THR A 277 -10.18 -16.72 -26.20
C THR A 277 -10.94 -17.82 -25.46
N LYS A 278 -10.24 -18.57 -24.60
CA LYS A 278 -10.83 -19.59 -23.71
C LYS A 278 -12.04 -19.09 -22.90
N TYR A 279 -11.98 -17.84 -22.43
CA TYR A 279 -12.99 -17.30 -21.52
C TYR A 279 -14.33 -16.90 -22.16
N ALA A 280 -14.46 -17.02 -23.48
CA ALA A 280 -15.74 -16.80 -24.18
C ALA A 280 -16.79 -17.85 -23.79
N GLU A 281 -16.41 -19.12 -23.88
CA GLU A 281 -17.30 -20.24 -23.56
C GLU A 281 -17.54 -20.39 -22.05
N ILE A 282 -16.53 -20.10 -21.23
CA ILE A 282 -16.62 -20.27 -19.78
C ILE A 282 -17.61 -19.27 -19.18
N TYR A 283 -17.35 -17.98 -19.39
CA TYR A 283 -18.25 -16.92 -18.91
C TYR A 283 -19.52 -16.79 -19.74
N GLY A 284 -19.51 -17.29 -20.99
CA GLY A 284 -20.68 -17.25 -21.86
C GLY A 284 -20.87 -15.89 -22.49
N ILE A 285 -19.83 -15.42 -23.18
CA ILE A 285 -19.83 -14.11 -23.83
C ILE A 285 -19.19 -14.22 -25.23
N SER A 286 -19.76 -15.12 -26.04
CA SER A 286 -19.33 -15.32 -27.43
C SER A 286 -19.69 -14.13 -28.34
N SER A 287 -20.70 -13.35 -27.95
CA SER A 287 -21.07 -12.13 -28.65
C SER A 287 -20.03 -11.02 -28.59
N ALA A 288 -19.19 -11.03 -27.54
CA ALA A 288 -18.19 -9.98 -27.32
C ALA A 288 -17.13 -9.93 -28.42
N HIS A 289 -16.83 -8.72 -28.90
CA HIS A 289 -15.81 -8.50 -29.93
C HIS A 289 -14.37 -8.40 -29.40
N THR A 290 -14.20 -8.26 -28.07
CA THR A 290 -12.89 -8.15 -27.45
C THR A 290 -12.81 -8.99 -26.17
N LEU A 291 -11.74 -9.76 -26.04
CA LEU A 291 -11.50 -10.63 -24.88
C LEU A 291 -10.00 -10.62 -24.56
N LEU A 292 -9.61 -9.92 -23.49
CA LEU A 292 -8.20 -9.72 -23.16
C LEU A 292 -7.89 -10.02 -21.69
N ARG A 293 -6.98 -10.97 -21.47
CA ARG A 293 -6.51 -11.35 -20.14
C ARG A 293 -5.02 -11.07 -20.06
N GLY A 294 -4.57 -10.42 -18.98
CA GLY A 294 -3.17 -10.03 -18.84
C GLY A 294 -2.64 -10.05 -17.42
N THR A 295 -1.32 -9.83 -17.30
CA THR A 295 -0.62 -9.78 -16.02
C THR A 295 -0.04 -8.39 -15.80
N LEU A 296 -0.07 -7.91 -14.55
CA LEU A 296 0.47 -6.61 -14.17
C LEU A 296 1.83 -6.77 -13.49
N ARG A 297 2.77 -5.90 -13.85
CA ARG A 297 4.09 -5.81 -13.22
C ARG A 297 4.50 -4.35 -13.11
N TYR A 298 5.52 -4.08 -12.29
CA TYR A 298 6.12 -2.73 -12.23
C TYR A 298 6.97 -2.49 -13.47
N LYS A 299 7.11 -1.22 -13.87
CA LYS A 299 7.80 -0.86 -15.11
C LYS A 299 9.28 -1.20 -15.06
N GLY A 300 9.77 -1.83 -16.14
CA GLY A 300 11.15 -2.29 -16.24
C GLY A 300 11.37 -3.76 -15.88
N TYR A 301 10.32 -4.45 -15.44
CA TYR A 301 10.40 -5.88 -15.10
C TYR A 301 10.70 -6.71 -16.34
N MET A 302 9.84 -6.60 -17.35
CA MET A 302 9.98 -7.37 -18.59
C MET A 302 11.24 -7.01 -19.37
N LYS A 303 11.64 -5.74 -19.35
CA LYS A 303 12.89 -5.30 -20.00
C LYS A 303 14.14 -5.88 -19.33
N ALA A 304 14.07 -6.07 -18.01
CA ALA A 304 15.16 -6.70 -17.25
C ALA A 304 15.28 -8.20 -17.58
N LEU A 305 14.14 -8.89 -17.64
CA LEU A 305 14.09 -10.30 -18.07
C LEU A 305 14.53 -10.49 -19.53
N ASN A 306 14.20 -9.52 -20.38
CA ASN A 306 14.63 -9.51 -21.78
C ASN A 306 16.16 -9.49 -21.92
N GLY A 307 16.83 -8.84 -20.97
CA GLY A 307 18.29 -8.87 -20.88
C GLY A 307 18.87 -10.26 -20.66
N PHE A 308 18.22 -11.04 -19.80
CA PHE A 308 18.65 -12.43 -19.54
C PHE A 308 18.42 -13.34 -20.74
N VAL A 309 17.38 -13.05 -21.52
CA VAL A 309 17.11 -13.77 -22.77
C VAL A 309 18.21 -13.47 -23.81
N LYS A 310 18.64 -12.20 -23.89
CA LYS A 310 19.72 -11.78 -24.78
C LYS A 310 21.08 -12.44 -24.44
N LEU A 311 21.38 -12.54 -23.14
CA LEU A 311 22.61 -13.20 -22.68
C LEU A 311 22.61 -14.72 -22.87
N GLY A 312 21.42 -15.32 -22.95
CA GLY A 312 21.26 -16.76 -23.17
C GLY A 312 21.20 -17.55 -21.87
N LEU A 313 20.51 -17.00 -20.87
CA LEU A 313 20.34 -17.65 -19.56
C LEU A 313 19.04 -18.44 -19.45
N ILE A 314 18.03 -18.10 -20.26
CA ILE A 314 16.70 -18.72 -20.18
C ILE A 314 16.66 -19.96 -21.08
N ASN A 315 17.27 -21.05 -20.59
CA ASN A 315 17.28 -22.33 -21.30
C ASN A 315 17.66 -23.48 -20.35
N ARG A 316 17.21 -24.69 -20.67
CA ARG A 316 17.40 -25.87 -19.82
C ARG A 316 18.61 -26.74 -20.21
N GLU A 317 19.63 -26.14 -20.83
CA GLU A 317 20.88 -26.84 -21.14
C GLU A 317 21.74 -26.95 -19.87
N ALA A 318 22.56 -28.00 -19.81
CA ALA A 318 23.37 -28.30 -18.63
C ALA A 318 24.54 -27.31 -18.48
N LEU A 319 25.08 -27.24 -17.26
CA LEU A 319 26.20 -26.35 -16.92
C LEU A 319 27.52 -26.90 -17.45
N PRO A 320 28.58 -26.05 -17.50
CA PRO A 320 29.91 -26.55 -17.88
C PRO A 320 30.50 -27.53 -16.87
N ASN A 327 37.64 -27.41 -8.17
CA ASN A 327 37.40 -25.99 -8.32
C ASN A 327 35.91 -25.74 -8.63
N PRO A 328 35.21 -24.93 -7.79
CA PRO A 328 33.79 -24.65 -8.06
C PRO A 328 33.59 -23.60 -9.14
N LEU A 329 32.50 -23.73 -9.89
CA LEU A 329 32.16 -22.79 -10.97
C LEU A 329 31.65 -21.48 -10.39
N THR A 330 32.05 -20.36 -11.02
CA THR A 330 31.62 -19.03 -10.61
C THR A 330 30.81 -18.34 -11.72
N TRP A 331 30.07 -17.30 -11.34
CA TRP A 331 29.21 -16.56 -12.28
C TRP A 331 30.00 -15.81 -13.35
N LYS A 332 31.19 -15.32 -13.01
CA LYS A 332 32.10 -14.70 -13.99
C LYS A 332 32.54 -15.69 -15.07
N GLN A 333 32.83 -16.92 -14.65
CA GLN A 333 33.23 -18.00 -15.58
C GLN A 333 32.08 -18.48 -16.48
N LEU A 334 30.85 -18.46 -15.96
CA LEU A 334 29.67 -18.92 -16.71
C LEU A 334 29.30 -17.97 -17.86
N LEU A 335 29.30 -16.67 -17.59
CA LEU A 335 29.01 -15.66 -18.62
C LEU A 335 30.06 -15.59 -19.73
N CYS A 336 31.31 -15.94 -19.40
CA CYS A 336 32.38 -16.05 -20.40
C CYS A 336 32.11 -17.18 -21.41
N ASP A 337 31.55 -18.29 -20.93
CA ASP A 337 31.15 -19.41 -21.80
C ASP A 337 29.97 -19.05 -22.71
N LEU A 338 29.00 -18.32 -22.17
CA LEU A 338 27.81 -17.90 -22.92
C LEU A 338 28.14 -16.89 -24.03
N VAL A 339 28.99 -15.91 -23.73
CA VAL A 339 29.43 -14.90 -24.70
C VAL A 339 30.46 -15.49 -25.68
N GLY A 340 31.31 -16.40 -25.19
CA GLY A 340 32.27 -17.14 -26.02
C GLY A 340 33.69 -16.63 -25.91
N ILE A 341 34.19 -16.60 -24.67
CA ILE A 341 35.57 -16.21 -24.36
C ILE A 341 36.11 -17.08 -23.23
N SER A 342 37.43 -17.05 -23.03
CA SER A 342 38.07 -17.80 -21.94
C SER A 342 37.80 -17.13 -20.60
N PRO A 343 37.63 -17.93 -19.52
CA PRO A 343 37.34 -17.35 -18.20
C PRO A 343 38.55 -16.63 -17.59
N SER A 344 38.72 -15.36 -18.00
CA SER A 344 39.78 -14.49 -17.48
C SER A 344 39.49 -13.05 -17.93
N SER A 345 38.70 -12.33 -17.15
CA SER A 345 38.21 -11.01 -17.54
C SER A 345 37.64 -10.21 -16.37
N GLU A 346 38.35 -9.15 -15.98
CA GLU A 346 37.87 -8.22 -14.95
C GLU A 346 36.85 -7.27 -15.55
N HIS A 347 37.27 -6.54 -16.58
CA HIS A 347 36.40 -5.62 -17.34
C HIS A 347 36.32 -5.96 -18.84
N ASP A 348 36.87 -7.10 -19.25
CA ASP A 348 36.80 -7.56 -20.64
C ASP A 348 35.47 -8.28 -20.92
N VAL A 349 34.96 -8.99 -19.91
CA VAL A 349 33.63 -9.63 -19.99
C VAL A 349 32.50 -8.59 -20.03
N LEU A 350 32.73 -7.44 -19.40
CA LEU A 350 31.79 -6.31 -19.44
C LEU A 350 31.61 -5.80 -20.87
N LYS A 351 32.72 -5.58 -21.57
CA LYS A 351 32.70 -5.15 -22.98
C LYS A 351 32.08 -6.19 -23.91
N GLU A 352 32.27 -7.46 -23.58
CA GLU A 352 31.64 -8.57 -24.31
C GLU A 352 30.14 -8.68 -24.01
N ALA A 353 29.76 -8.49 -22.75
CA ALA A 353 28.36 -8.60 -22.31
C ALA A 353 27.51 -7.41 -22.78
N VAL A 354 28.05 -6.19 -22.66
CA VAL A 354 27.36 -4.97 -23.11
C VAL A 354 27.13 -4.93 -24.63
N LEU A 355 28.04 -5.55 -25.38
CA LEU A 355 27.89 -5.69 -26.84
C LEU A 355 26.74 -6.63 -27.19
N LYS A 356 26.67 -7.75 -26.47
CA LYS A 356 25.61 -8.75 -26.68
C LYS A 356 24.23 -8.27 -26.19
N LYS A 357 24.21 -7.54 -25.08
CA LYS A 357 22.96 -7.02 -24.51
C LYS A 357 22.39 -5.85 -25.31
N LEU A 358 21.59 -6.17 -26.33
CA LEU A 358 20.80 -5.20 -27.09
C LEU A 358 21.60 -4.09 -27.80
N GLY A 359 22.86 -4.36 -28.12
CA GLY A 359 23.74 -3.37 -28.75
C GLY A 359 24.03 -2.17 -27.87
N GLY A 360 24.48 -2.45 -26.64
CA GLY A 360 24.89 -1.40 -25.71
C GLY A 360 23.78 -0.89 -24.82
N ASP A 361 23.06 -1.82 -24.17
CA ASP A 361 22.03 -1.48 -23.20
C ASP A 361 22.67 -1.40 -21.80
N ASN A 362 22.77 -0.18 -21.28
CA ASN A 362 23.42 0.07 -19.98
C ASN A 362 22.56 -0.39 -18.80
N THR A 363 21.25 -0.20 -18.90
CA THR A 363 20.31 -0.60 -17.85
C THR A 363 20.31 -2.12 -17.63
N GLN A 364 20.38 -2.88 -18.71
CA GLN A 364 20.47 -4.34 -18.65
C GLN A 364 21.83 -4.83 -18.13
N LEU A 365 22.90 -4.09 -18.46
CA LEU A 365 24.24 -4.38 -17.94
C LEU A 365 24.35 -4.11 -16.44
N GLU A 366 23.80 -2.97 -16.00
CA GLU A 366 23.76 -2.61 -14.58
C GLU A 366 22.92 -3.58 -13.74
N ALA A 367 21.85 -4.12 -14.33
CA ALA A 367 21.01 -5.13 -13.67
C ALA A 367 21.77 -6.43 -13.41
N ALA A 368 22.53 -6.88 -14.41
CA ALA A 368 23.41 -8.04 -14.27
C ALA A 368 24.59 -7.76 -13.32
N GLU A 369 25.07 -6.53 -13.33
CA GLU A 369 26.12 -6.07 -12.40
C GLU A 369 25.62 -6.06 -10.95
N TRP A 370 24.39 -5.58 -10.75
CA TRP A 370 23.77 -5.48 -9.42
C TRP A 370 23.55 -6.85 -8.77
N LEU A 371 23.04 -7.80 -9.55
CA LEU A 371 22.82 -9.18 -9.08
C LEU A 371 24.12 -9.98 -8.90
N GLY A 372 25.20 -9.54 -9.54
CA GLY A 372 26.51 -10.18 -9.40
C GLY A 372 26.74 -11.32 -10.38
N LEU A 373 26.20 -11.17 -11.59
CA LEU A 373 26.37 -12.18 -12.66
C LEU A 373 27.73 -12.05 -13.34
N LEU A 374 28.30 -10.84 -13.35
CA LEU A 374 29.65 -10.60 -13.87
C LEU A 374 30.73 -10.84 -12.80
N GLY A 375 30.42 -10.50 -11.55
CA GLY A 375 31.39 -10.60 -10.44
C GLY A 375 31.71 -12.02 -10.01
N ASP A 376 32.59 -12.12 -9.00
CA ASP A 376 33.07 -13.41 -8.47
C ASP A 376 32.14 -13.91 -7.37
N GLU A 377 31.21 -14.79 -7.73
CA GLU A 377 30.35 -15.50 -6.79
C GLU A 377 30.09 -16.92 -7.29
N GLN A 378 30.01 -17.88 -6.38
CA GLN A 378 29.85 -19.29 -6.73
C GLN A 378 28.45 -19.59 -7.27
N VAL A 379 28.37 -20.47 -8.26
CA VAL A 379 27.10 -20.86 -8.88
C VAL A 379 26.52 -22.03 -8.05
N PRO A 380 25.22 -21.96 -7.70
CA PRO A 380 24.63 -23.06 -6.93
C PRO A 380 24.46 -24.34 -7.75
N GLN A 381 24.54 -25.49 -7.08
CA GLN A 381 24.44 -26.78 -7.74
C GLN A 381 23.03 -26.98 -8.32
N ALA A 382 22.94 -27.20 -9.63
CA ALA A 382 21.67 -27.31 -10.32
C ALA A 382 21.77 -28.10 -11.62
N GLU A 383 20.62 -28.62 -12.08
CA GLU A 383 20.55 -29.45 -13.29
C GLU A 383 20.72 -28.68 -14.61
N SER A 384 20.50 -27.36 -14.60
CA SER A 384 20.60 -26.54 -15.81
C SER A 384 20.98 -25.09 -15.50
N ILE A 385 21.15 -24.29 -16.57
CA ILE A 385 21.46 -22.86 -16.46
C ILE A 385 20.26 -22.08 -15.91
N LEU A 386 19.05 -22.48 -16.31
CA LEU A 386 17.82 -21.84 -15.82
C LEU A 386 17.63 -22.03 -14.31
N ASP A 387 17.85 -23.25 -13.83
CA ASP A 387 17.77 -23.57 -12.39
C ASP A 387 18.85 -22.83 -11.57
N ALA A 388 20.02 -22.61 -12.17
CA ALA A 388 21.10 -21.85 -11.53
C ALA A 388 20.73 -20.37 -11.38
N LEU A 389 20.11 -19.79 -12.41
CA LEU A 389 19.63 -18.40 -12.36
C LEU A 389 18.48 -18.24 -11.36
N SER A 390 17.55 -19.20 -11.36
CA SER A 390 16.39 -19.17 -10.46
C SER A 390 16.79 -19.22 -8.98
N LYS A 391 17.71 -20.12 -8.65
CA LYS A 391 18.25 -20.25 -7.29
C LYS A 391 18.98 -18.97 -6.82
N HIS A 392 19.70 -18.34 -7.74
CA HIS A 392 20.42 -17.09 -7.46
C HIS A 392 19.46 -15.90 -7.27
N LEU A 393 18.37 -15.87 -8.04
CA LEU A 393 17.36 -14.81 -7.92
C LEU A 393 16.57 -14.84 -6.59
N VAL A 394 16.35 -16.05 -6.07
CA VAL A 394 15.73 -16.20 -4.73
C VAL A 394 16.69 -15.72 -3.64
N MET A 395 17.97 -16.11 -3.75
CA MET A 395 19.01 -15.71 -2.79
C MET A 395 19.20 -14.19 -2.75
N LYS A 396 19.08 -13.53 -3.90
CA LYS A 396 19.29 -12.08 -4.02
C LYS A 396 18.02 -11.25 -3.79
N LEU A 397 16.87 -11.73 -4.29
CA LEU A 397 15.60 -10.99 -4.23
C LEU A 397 14.50 -11.79 -3.53
N SER A 398 14.72 -12.07 -2.24
CA SER A 398 13.73 -12.74 -1.38
C SER A 398 12.93 -11.74 -0.55
N TYR A 399 11.77 -12.16 -0.09
CA TYR A 399 10.95 -11.36 0.85
C TYR A 399 11.59 -11.41 2.24
N GLY A 400 11.58 -10.25 2.92
CA GLY A 400 12.13 -10.12 4.26
C GLY A 400 11.14 -10.52 5.33
N PRO A 401 11.53 -10.39 6.62
CA PRO A 401 10.65 -10.75 7.74
C PRO A 401 9.47 -9.78 7.93
N GLU A 402 9.71 -8.48 7.73
CA GLU A 402 8.67 -7.45 7.86
C GLU A 402 8.56 -6.62 6.57
N GLU A 403 8.31 -7.31 5.46
CA GLU A 403 8.12 -6.68 4.15
C GLU A 403 6.79 -7.12 3.53
N LYS A 404 5.95 -6.14 3.20
CA LYS A 404 4.60 -6.41 2.68
C LYS A 404 4.62 -6.82 1.21
N ASP A 405 3.57 -7.53 0.80
CA ASP A 405 3.28 -7.79 -0.61
C ASP A 405 1.93 -7.14 -0.98
N MET A 406 1.49 -7.33 -2.22
CA MET A 406 0.32 -6.61 -2.73
C MET A 406 -0.32 -7.33 -3.92
N ILE A 407 -1.65 -7.41 -3.92
CA ILE A 407 -2.44 -7.91 -5.05
C ILE A 407 -3.21 -6.74 -5.65
N VAL A 408 -3.22 -6.66 -6.98
CA VAL A 408 -4.04 -5.69 -7.72
C VAL A 408 -4.74 -6.41 -8.87
N MET A 409 -6.04 -6.20 -9.00
CA MET A 409 -6.85 -6.78 -10.08
C MET A 409 -7.76 -5.71 -10.68
N ARG A 410 -7.71 -5.59 -12.01
CA ARG A 410 -8.40 -4.52 -12.75
C ARG A 410 -9.22 -5.16 -13.89
N ASP A 411 -10.55 -5.01 -13.81
CA ASP A 411 -11.45 -5.44 -14.88
C ASP A 411 -12.10 -4.22 -15.55
N SER A 412 -12.42 -4.37 -16.84
CA SER A 412 -13.04 -3.30 -17.63
C SER A 412 -14.04 -3.89 -18.61
N PHE A 413 -15.32 -3.59 -18.40
CA PHE A 413 -16.43 -4.12 -19.22
C PHE A 413 -17.03 -3.06 -20.14
N GLY A 414 -17.41 -3.48 -21.34
CA GLY A 414 -18.19 -2.67 -22.28
C GLY A 414 -19.54 -3.32 -22.50
N ILE A 415 -20.57 -2.79 -21.83
CA ILE A 415 -21.90 -3.40 -21.79
C ILE A 415 -22.90 -2.56 -22.59
N ARG A 416 -23.42 -3.14 -23.68
CA ARG A 416 -24.45 -2.50 -24.51
C ARG A 416 -25.83 -2.80 -23.94
N HIS A 417 -26.53 -1.75 -23.52
CA HIS A 417 -27.91 -1.87 -23.01
C HIS A 417 -28.91 -1.93 -24.17
N PRO A 418 -30.13 -2.46 -23.91
CA PRO A 418 -31.17 -2.49 -24.97
C PRO A 418 -31.73 -1.12 -25.35
N SER A 419 -31.57 -0.12 -24.49
CA SER A 419 -31.86 1.28 -24.81
C SER A 419 -31.01 1.82 -25.96
N GLY A 420 -29.78 1.31 -26.09
CA GLY A 420 -28.84 1.73 -27.14
C GLY A 420 -27.53 2.28 -26.59
N HIS A 421 -27.49 2.62 -25.30
CA HIS A 421 -26.31 3.21 -24.67
C HIS A 421 -25.23 2.15 -24.42
N LEU A 422 -23.98 2.61 -24.37
CA LEU A 422 -22.83 1.76 -24.05
C LEU A 422 -22.31 2.11 -22.65
N GLU A 423 -22.44 1.18 -21.72
CA GLU A 423 -21.95 1.35 -20.35
C GLU A 423 -20.49 0.91 -20.26
N HIS A 424 -19.66 1.76 -19.65
CA HIS A 424 -18.26 1.43 -19.35
C HIS A 424 -18.13 1.19 -17.84
N LYS A 425 -18.07 -0.08 -17.46
CA LYS A 425 -17.98 -0.49 -16.04
C LYS A 425 -16.57 -0.97 -15.72
N THR A 426 -15.96 -0.37 -14.70
CA THR A 426 -14.63 -0.76 -14.21
C THR A 426 -14.72 -1.33 -12.79
N ILE A 427 -13.87 -2.31 -12.49
CA ILE A 427 -13.85 -2.96 -11.18
C ILE A 427 -12.39 -3.06 -10.69
N ASP A 428 -12.14 -2.53 -9.50
CA ASP A 428 -10.82 -2.57 -8.85
C ASP A 428 -10.89 -3.46 -7.62
N LEU A 429 -9.91 -4.35 -7.47
CA LEU A 429 -9.74 -5.15 -6.25
C LEU A 429 -8.29 -5.05 -5.80
N VAL A 430 -8.07 -4.55 -4.59
CA VAL A 430 -6.72 -4.31 -4.05
C VAL A 430 -6.63 -4.78 -2.61
N ALA A 431 -5.48 -5.38 -2.26
CA ALA A 431 -5.23 -5.88 -0.91
C ALA A 431 -3.74 -5.86 -0.59
N TYR A 432 -3.40 -5.38 0.60
CA TYR A 432 -2.01 -5.35 1.08
C TYR A 432 -1.80 -6.43 2.14
N GLY A 433 -0.57 -6.93 2.22
CA GLY A 433 -0.21 -7.96 3.21
C GLY A 433 -0.06 -7.37 4.60
N ASP A 434 -0.49 -8.12 5.61
CA ASP A 434 -0.45 -7.67 7.00
C ASP A 434 0.97 -7.84 7.57
N ILE A 435 1.43 -6.83 8.32
CA ILE A 435 2.75 -6.87 8.96
C ILE A 435 2.81 -7.91 10.08
N ASN A 436 1.77 -7.92 10.93
CA ASN A 436 1.60 -8.93 11.98
C ASN A 436 0.48 -9.90 11.60
N GLY A 437 0.55 -10.43 10.38
CA GLY A 437 -0.48 -11.33 9.86
C GLY A 437 -0.07 -12.04 8.58
N PHE A 438 -1.04 -12.35 7.73
CA PHE A 438 -0.80 -13.10 6.49
C PHE A 438 -0.51 -12.18 5.31
N SER A 439 0.10 -12.74 4.27
CA SER A 439 0.37 -12.03 3.02
C SER A 439 -0.91 -11.91 2.19
N ALA A 440 -0.94 -10.88 1.32
CA ALA A 440 -2.07 -10.65 0.42
C ALA A 440 -2.35 -11.82 -0.54
N MET A 441 -1.29 -12.45 -1.03
CA MET A 441 -1.40 -13.63 -1.90
C MET A 441 -2.00 -14.82 -1.15
N ALA A 442 -1.56 -15.04 0.08
CA ALA A 442 -2.09 -16.11 0.93
C ALA A 442 -3.56 -15.91 1.31
N LYS A 443 -3.93 -14.65 1.59
CA LYS A 443 -5.31 -14.30 1.94
C LYS A 443 -6.28 -14.46 0.75
N THR A 444 -5.90 -13.90 -0.40
CA THR A 444 -6.74 -13.95 -1.61
C THR A 444 -6.89 -15.36 -2.17
N VAL A 445 -5.84 -16.18 -2.07
CA VAL A 445 -5.89 -17.59 -2.47
C VAL A 445 -6.59 -18.45 -1.40
N GLY A 446 -6.36 -18.13 -0.12
CA GLY A 446 -6.84 -18.95 0.99
C GLY A 446 -8.29 -18.76 1.40
N LEU A 447 -8.68 -17.49 1.61
CA LEU A 447 -9.99 -17.16 2.22
C LEU A 447 -11.23 -17.58 1.42
N PRO A 448 -11.22 -17.46 0.07
CA PRO A 448 -12.35 -17.95 -0.72
C PRO A 448 -12.58 -19.47 -0.61
N THR A 449 -11.50 -20.24 -0.45
CA THR A 449 -11.58 -21.69 -0.24
C THR A 449 -12.19 -22.01 1.13
N ALA A 450 -11.72 -21.31 2.16
CA ALA A 450 -12.20 -21.49 3.53
C ALA A 450 -13.66 -21.06 3.72
N MET A 451 -14.02 -19.93 3.12
CA MET A 451 -15.41 -19.43 3.13
C MET A 451 -16.37 -20.41 2.44
N ALA A 452 -15.95 -20.94 1.29
CA ALA A 452 -16.74 -21.93 0.54
C ALA A 452 -16.90 -23.24 1.31
N ALA A 453 -15.87 -23.64 2.06
CA ALA A 453 -15.93 -24.82 2.94
C ALA A 453 -16.93 -24.63 4.08
N LYS A 454 -16.92 -23.45 4.69
CA LYS A 454 -17.84 -23.10 5.78
C LYS A 454 -19.31 -23.07 5.32
N MET A 455 -19.53 -22.64 4.08
CA MET A 455 -20.88 -22.65 3.48
C MET A 455 -21.44 -24.06 3.31
N LEU A 456 -20.58 -25.03 2.96
CA LEU A 456 -20.98 -26.43 2.82
C LEU A 456 -21.35 -27.09 4.15
N LEU A 457 -20.57 -26.81 5.20
CA LEU A 457 -20.83 -27.34 6.55
C LEU A 457 -22.10 -26.75 7.17
N ASP A 458 -22.25 -25.43 7.05
CA ASP A 458 -23.46 -24.74 7.56
C ASP A 458 -24.71 -25.04 6.73
N GLY A 459 -24.54 -25.47 5.48
CA GLY A 459 -25.65 -25.87 4.61
C GLY A 459 -26.23 -24.74 3.81
N GLU A 460 -25.36 -23.91 3.24
CA GLU A 460 -25.75 -22.75 2.43
C GLU A 460 -25.60 -22.99 0.92
N ILE A 461 -25.12 -24.18 0.52
CA ILE A 461 -24.99 -24.57 -0.88
C ILE A 461 -25.73 -25.90 -1.09
N GLY A 462 -26.78 -25.87 -1.92
CA GLY A 462 -27.61 -27.05 -2.20
C GLY A 462 -27.29 -27.80 -3.48
N ALA A 463 -26.52 -27.18 -4.38
CA ALA A 463 -26.19 -27.78 -5.68
C ALA A 463 -25.25 -28.98 -5.54
N LYS A 464 -25.32 -29.89 -6.50
CA LYS A 464 -24.52 -31.13 -6.52
C LYS A 464 -23.68 -31.22 -7.79
N GLY A 465 -22.70 -32.12 -7.76
CA GLY A 465 -21.80 -32.35 -8.90
C GLY A 465 -20.55 -31.48 -8.88
N LEU A 466 -19.71 -31.67 -9.89
CA LEU A 466 -18.48 -30.88 -10.05
C LEU A 466 -18.84 -29.51 -10.60
N MET A 467 -18.25 -28.46 -10.01
CA MET A 467 -18.60 -27.08 -10.36
C MET A 467 -17.55 -26.06 -9.93
N GLY A 468 -17.55 -24.91 -10.60
CA GLY A 468 -16.71 -23.75 -10.24
C GLY A 468 -17.46 -22.80 -9.31
N PRO A 469 -16.96 -21.56 -9.17
CA PRO A 469 -17.65 -20.52 -8.40
C PRO A 469 -18.43 -19.53 -9.31
N PHE A 470 -19.03 -20.04 -10.39
CA PHE A 470 -19.69 -19.21 -11.40
C PHE A 470 -21.12 -18.85 -11.00
N SER A 471 -21.78 -19.73 -10.25
CA SER A 471 -23.16 -19.52 -9.79
C SER A 471 -23.21 -18.49 -8.65
N LYS A 472 -24.30 -17.71 -8.63
CA LYS A 472 -24.50 -16.65 -7.63
C LYS A 472 -24.64 -17.19 -6.20
N GLU A 473 -25.07 -18.44 -6.06
CA GLU A 473 -25.10 -19.16 -4.78
C GLU A 473 -23.74 -19.18 -4.08
N ILE A 474 -22.66 -19.30 -4.86
CA ILE A 474 -21.28 -19.37 -4.33
C ILE A 474 -20.63 -17.99 -4.23
N TYR A 475 -20.59 -17.24 -5.35
CA TYR A 475 -19.82 -15.99 -5.41
C TYR A 475 -20.44 -14.81 -4.63
N GLY A 476 -21.76 -14.78 -4.53
CA GLY A 476 -22.48 -13.70 -3.83
C GLY A 476 -22.09 -13.55 -2.37
N PRO A 477 -22.21 -14.63 -1.58
CA PRO A 477 -21.76 -14.64 -0.18
C PRO A 477 -20.27 -14.35 0.02
N ILE A 478 -19.41 -14.88 -0.86
CA ILE A 478 -17.95 -14.73 -0.73
C ILE A 478 -17.49 -13.28 -0.96
N LEU A 479 -18.02 -12.64 -2.01
CA LEU A 479 -17.71 -11.23 -2.30
C LEU A 479 -18.16 -10.26 -1.19
N GLU A 480 -19.25 -10.61 -0.50
CA GLU A 480 -19.77 -9.80 0.61
C GLU A 480 -18.90 -9.93 1.89
N ARG A 481 -18.37 -11.12 2.15
CA ARG A 481 -17.61 -11.40 3.37
C ARG A 481 -16.13 -10.97 3.33
N ILE A 482 -15.54 -10.90 2.13
CA ILE A 482 -14.13 -10.49 1.97
C ILE A 482 -13.80 -9.05 2.38
N LYS A 483 -14.82 -8.19 2.52
CA LYS A 483 -14.63 -6.82 3.02
C LYS A 483 -14.11 -6.78 4.46
N ALA A 484 -14.65 -7.67 5.30
CA ALA A 484 -14.22 -7.78 6.71
C ALA A 484 -12.81 -8.35 6.90
N GLU A 485 -12.34 -9.12 5.91
CA GLU A 485 -11.00 -9.75 5.95
C GLU A 485 -9.87 -8.85 5.45
N GLY A 486 -10.18 -7.63 5.02
CA GLY A 486 -9.17 -6.66 4.54
C GLY A 486 -8.91 -6.71 3.05
N ILE A 487 -9.89 -7.18 2.28
CA ILE A 487 -9.82 -7.21 0.82
C ILE A 487 -10.98 -6.37 0.29
N ILE A 488 -10.68 -5.14 -0.08
CA ILE A 488 -11.68 -4.16 -0.50
C ILE A 488 -11.77 -4.14 -2.03
N TYR A 489 -12.99 -4.09 -2.55
CA TYR A 489 -13.23 -3.91 -3.99
C TYR A 489 -14.36 -2.91 -4.23
N THR A 490 -14.20 -2.10 -5.29
CA THR A 490 -15.12 -1.00 -5.59
C THR A 490 -15.57 -1.05 -7.05
N THR A 491 -16.63 -0.28 -7.35
CA THR A 491 -17.26 -0.26 -8.67
C THR A 491 -17.47 1.17 -9.15
N GLN A 492 -17.22 1.40 -10.43
CA GLN A 492 -17.44 2.70 -11.08
C GLN A 492 -18.09 2.49 -12.44
N SER A 493 -19.12 3.27 -12.75
CA SER A 493 -19.90 3.12 -13.99
C SER A 493 -20.12 4.47 -14.67
N THR A 494 -19.95 4.50 -15.99
CA THR A 494 -20.25 5.67 -16.81
C THR A 494 -20.97 5.25 -18.09
N ILE A 495 -21.86 6.13 -18.58
CA ILE A 495 -22.69 5.86 -19.75
C ILE A 495 -22.36 6.88 -20.84
N LYS A 496 -22.44 6.45 -22.11
CA LYS A 496 -22.16 7.31 -23.25
C LYS A 496 -22.93 6.85 -24.49
N ARG B 52 -2.59 6.95 38.47
CA ARG B 52 -3.31 6.23 37.37
C ARG B 52 -4.55 7.00 36.90
N LYS B 53 -4.31 8.18 36.33
CA LYS B 53 -5.39 9.04 35.83
C LYS B 53 -4.85 10.09 34.85
N VAL B 54 -5.58 10.32 33.76
CA VAL B 54 -5.12 11.20 32.67
C VAL B 54 -6.29 11.94 32.01
N LEU B 55 -6.04 13.19 31.61
CA LEU B 55 -7.03 14.02 30.91
C LEU B 55 -6.59 14.25 29.47
N VAL B 56 -7.46 13.91 28.52
CA VAL B 56 -7.22 14.12 27.09
C VAL B 56 -8.05 15.31 26.61
N LEU B 57 -7.42 16.49 26.53
CA LEU B 57 -8.08 17.70 26.04
C LEU B 57 -8.22 17.64 24.52
N GLY B 58 -9.43 17.89 24.03
CA GLY B 58 -9.76 17.78 22.61
C GLY B 58 -10.32 16.41 22.27
N SER B 59 -11.24 16.37 21.31
CA SER B 59 -11.95 15.13 20.94
C SER B 59 -11.97 14.93 19.42
N GLY B 60 -10.85 15.23 18.76
CA GLY B 60 -10.73 15.09 17.31
C GLY B 60 -10.42 13.67 16.88
N TYR B 61 -9.99 13.52 15.62
CA TYR B 61 -9.61 12.21 15.07
C TYR B 61 -8.28 11.67 15.63
N ILE B 62 -7.45 12.56 16.18
CA ILE B 62 -6.17 12.19 16.79
C ILE B 62 -6.37 11.49 18.15
N SER B 63 -7.44 11.82 18.86
CA SER B 63 -7.71 11.27 20.19
C SER B 63 -8.08 9.77 20.18
N GLU B 64 -8.68 9.28 19.10
CA GLU B 64 -9.12 7.88 19.02
C GLU B 64 -8.00 6.83 19.15
N PRO B 65 -6.89 6.98 18.39
CA PRO B 65 -5.75 6.07 18.61
C PRO B 65 -5.02 6.24 19.96
N VAL B 66 -5.10 7.43 20.55
CA VAL B 66 -4.50 7.70 21.87
C VAL B 66 -5.27 6.98 22.98
N LEU B 67 -6.60 7.05 22.93
CA LEU B 67 -7.47 6.39 23.92
C LEU B 67 -7.42 4.86 23.81
N GLU B 68 -7.29 4.34 22.58
CA GLU B 68 -7.19 2.89 22.35
C GLU B 68 -5.89 2.31 22.92
N TYR B 69 -4.78 3.02 22.76
CA TYR B 69 -3.47 2.58 23.24
C TYR B 69 -3.39 2.54 24.77
N LEU B 70 -3.89 3.58 25.43
CA LEU B 70 -3.85 3.68 26.89
C LEU B 70 -4.83 2.74 27.61
N SER B 71 -5.88 2.28 26.91
CA SER B 71 -6.91 1.43 27.50
C SER B 71 -6.71 -0.09 27.30
N ARG B 72 -5.52 -0.50 26.85
CA ARG B 72 -5.23 -1.91 26.59
C ARG B 72 -5.03 -2.70 27.89
N ASP B 73 -4.12 -2.22 28.73
CA ASP B 73 -3.80 -2.87 30.01
C ASP B 73 -4.94 -2.78 31.02
N GLY B 74 -5.63 -1.65 31.04
CA GLY B 74 -6.76 -1.43 31.95
C GLY B 74 -6.29 -1.11 33.35
N ASN B 75 -5.48 -0.06 33.45
CA ASN B 75 -4.95 0.41 34.74
C ASN B 75 -4.79 1.94 34.76
N ILE B 76 -5.80 2.64 34.22
CA ILE B 76 -5.80 4.11 34.15
C ILE B 76 -7.21 4.63 33.90
N GLU B 77 -7.62 5.61 34.71
CA GLU B 77 -8.95 6.23 34.59
C GLU B 77 -8.84 7.47 33.69
N ILE B 78 -9.22 7.29 32.43
CA ILE B 78 -9.06 8.34 31.41
C ILE B 78 -10.26 9.29 31.42
N THR B 79 -9.97 10.59 31.35
CA THR B 79 -10.99 11.65 31.30
C THR B 79 -10.82 12.40 29.98
N VAL B 80 -11.91 12.95 29.46
CA VAL B 80 -11.91 13.71 28.19
C VAL B 80 -12.67 15.02 28.35
N GLY B 81 -12.09 16.10 27.83
CA GLY B 81 -12.71 17.44 27.85
C GLY B 81 -12.71 18.05 26.46
N SER B 82 -13.87 18.55 26.03
CA SER B 82 -14.03 19.10 24.68
C SER B 82 -15.24 20.02 24.55
N ASP B 83 -15.23 20.85 23.51
CA ASP B 83 -16.36 21.72 23.18
C ASP B 83 -17.50 20.95 22.51
N MET B 84 -17.15 20.00 21.65
CA MET B 84 -18.12 19.31 20.79
C MET B 84 -18.86 18.23 21.59
N LYS B 85 -20.16 18.43 21.79
CA LYS B 85 -21.00 17.48 22.52
C LYS B 85 -21.29 16.22 21.71
N ASN B 86 -21.37 16.35 20.37
CA ASN B 86 -21.60 15.21 19.49
C ASN B 86 -20.42 14.23 19.44
N GLN B 87 -19.20 14.78 19.41
CA GLN B 87 -17.97 13.97 19.34
C GLN B 87 -17.74 13.16 20.62
N ILE B 88 -17.82 13.83 21.76
CA ILE B 88 -17.56 13.20 23.07
C ILE B 88 -18.58 12.12 23.45
N GLU B 89 -19.82 12.25 22.99
CA GLU B 89 -20.85 11.23 23.19
C GLU B 89 -20.56 9.97 22.38
N GLN B 90 -20.25 10.14 21.09
CA GLN B 90 -19.88 9.04 20.21
C GLN B 90 -18.56 8.39 20.62
N LEU B 91 -17.60 9.21 21.05
CA LEU B 91 -16.31 8.73 21.56
C LEU B 91 -16.44 8.01 22.91
N GLY B 92 -17.39 8.47 23.74
CA GLY B 92 -17.69 7.83 25.02
C GLY B 92 -18.33 6.45 24.92
N LYS B 93 -18.98 6.17 23.79
CA LYS B 93 -19.58 4.86 23.53
C LYS B 93 -18.53 3.77 23.29
N LYS B 94 -17.49 4.09 22.53
CA LYS B 94 -16.43 3.14 22.18
C LYS B 94 -15.55 2.79 23.38
N TYR B 95 -14.93 3.81 23.97
CA TYR B 95 -13.99 3.65 25.09
C TYR B 95 -14.62 4.13 26.40
N ASN B 96 -14.26 3.48 27.50
CA ASN B 96 -14.74 3.86 28.83
C ASN B 96 -14.02 5.12 29.30
N ILE B 97 -14.72 6.25 29.27
CA ILE B 97 -14.16 7.55 29.67
C ILE B 97 -15.20 8.40 30.42
N ASN B 98 -14.71 9.36 31.20
CA ASN B 98 -15.55 10.33 31.91
C ASN B 98 -15.70 11.58 31.04
N PRO B 99 -16.93 11.85 30.52
CA PRO B 99 -17.13 13.03 29.69
C PRO B 99 -17.26 14.30 30.51
N VAL B 100 -16.60 15.37 30.07
CA VAL B 100 -16.61 16.67 30.75
C VAL B 100 -16.89 17.79 29.74
N SER B 101 -18.10 18.33 29.79
CA SER B 101 -18.49 19.46 28.93
C SER B 101 -17.88 20.75 29.48
N MET B 102 -16.92 21.32 28.75
CA MET B 102 -16.23 22.53 29.18
C MET B 102 -15.55 23.29 28.03
N ASP B 103 -15.33 24.58 28.24
CA ASP B 103 -14.60 25.45 27.31
C ASP B 103 -13.32 25.93 27.98
N ILE B 104 -12.20 25.81 27.28
CA ILE B 104 -10.88 26.21 27.82
C ILE B 104 -10.76 27.72 28.07
N CYS B 105 -11.33 28.53 27.19
CA CYS B 105 -11.22 29.99 27.27
C CYS B 105 -12.31 30.61 28.16
N LYS B 106 -13.55 30.15 27.97
CA LYS B 106 -14.69 30.67 28.72
C LYS B 106 -14.67 30.27 30.19
N GLN B 107 -14.27 29.03 30.48
CA GLN B 107 -14.28 28.48 31.84
C GLN B 107 -12.87 28.06 32.28
N GLU B 108 -12.04 29.06 32.56
CA GLU B 108 -10.67 28.83 33.05
C GLU B 108 -10.61 28.36 34.51
N GLU B 109 -11.66 28.63 35.29
CA GLU B 109 -11.71 28.26 36.70
C GLU B 109 -11.76 26.75 36.91
N LYS B 110 -12.69 26.09 36.23
CA LYS B 110 -12.86 24.63 36.34
C LYS B 110 -11.69 23.83 35.76
N LEU B 111 -10.93 24.43 34.85
CA LEU B 111 -9.70 23.83 34.31
C LEU B 111 -8.64 23.68 35.41
N GLY B 112 -8.46 24.74 36.21
CA GLY B 112 -7.52 24.73 37.33
C GLY B 112 -7.79 23.67 38.39
N PHE B 113 -9.07 23.40 38.66
CA PHE B 113 -9.47 22.39 39.64
C PHE B 113 -9.43 20.98 39.06
N LEU B 114 -9.78 20.83 37.78
CA LEU B 114 -9.79 19.53 37.10
C LEU B 114 -8.39 18.96 36.86
N VAL B 115 -7.46 19.83 36.43
CA VAL B 115 -6.07 19.42 36.13
C VAL B 115 -5.33 18.98 37.40
N ALA B 116 -5.61 19.63 38.54
CA ALA B 116 -5.00 19.29 39.83
C ALA B 116 -5.27 17.84 40.27
N LYS B 117 -6.44 17.31 39.93
CA LYS B 117 -6.81 15.93 40.28
C LYS B 117 -6.05 14.85 39.47
N GLN B 118 -5.59 15.20 38.27
CA GLN B 118 -4.95 14.25 37.36
C GLN B 118 -3.44 14.14 37.56
N ASP B 119 -2.87 13.02 37.10
CA ASP B 119 -1.43 12.78 37.14
C ASP B 119 -0.70 13.32 35.90
N LEU B 120 -1.39 13.28 34.75
CA LEU B 120 -0.83 13.73 33.47
C LEU B 120 -1.91 14.37 32.60
N VAL B 121 -1.49 15.27 31.71
CA VAL B 121 -2.40 15.95 30.76
C VAL B 121 -1.93 15.68 29.34
N ILE B 122 -2.89 15.50 28.42
CA ILE B 122 -2.61 15.28 27.00
C ILE B 122 -3.41 16.32 26.19
N SER B 123 -2.70 17.31 25.64
CA SER B 123 -3.32 18.38 24.86
C SER B 123 -3.37 18.02 23.38
N LEU B 124 -4.58 17.79 22.86
CA LEU B 124 -4.82 17.60 21.43
C LEU B 124 -5.70 18.74 20.89
N LEU B 125 -5.43 19.95 21.35
CA LEU B 125 -6.14 21.16 20.94
C LEU B 125 -5.30 21.92 19.91
N PRO B 126 -5.87 22.98 19.29
CA PRO B 126 -5.06 23.88 18.46
C PRO B 126 -3.89 24.50 19.23
N TYR B 127 -2.75 24.66 18.55
CA TYR B 127 -1.49 25.03 19.21
C TYR B 127 -1.42 26.45 19.81
N VAL B 128 -2.32 27.34 19.39
CA VAL B 128 -2.46 28.66 19.99
C VAL B 128 -2.90 28.64 21.46
N LEU B 129 -3.65 27.60 21.87
CA LEU B 129 -4.21 27.49 23.22
C LEU B 129 -3.36 26.71 24.24
N HIS B 130 -2.11 26.42 23.92
CA HIS B 130 -1.22 25.69 24.84
C HIS B 130 -0.82 26.45 26.11
N PRO B 131 -0.60 27.78 26.02
CA PRO B 131 -0.28 28.57 27.24
C PRO B 131 -1.36 28.53 28.33
N LEU B 132 -2.62 28.38 27.95
CA LEU B 132 -3.73 28.23 28.90
C LEU B 132 -3.66 26.90 29.65
N VAL B 133 -3.32 25.83 28.94
CA VAL B 133 -3.16 24.49 29.54
C VAL B 133 -1.86 24.46 30.37
N ALA B 134 -0.79 25.03 29.82
CA ALA B 134 0.51 25.09 30.50
C ALA B 134 0.46 25.90 31.80
N LYS B 135 -0.30 27.00 31.80
CA LYS B 135 -0.49 27.83 33.00
C LYS B 135 -1.13 27.06 34.17
N ALA B 136 -2.09 26.20 33.85
CA ALA B 136 -2.73 25.33 34.84
C ALA B 136 -1.78 24.25 35.37
N CYS B 137 -0.93 23.71 34.49
CA CYS B 137 0.03 22.66 34.84
C CYS B 137 1.12 23.13 35.82
N ILE B 138 1.70 24.31 35.55
CA ILE B 138 2.73 24.90 36.42
C ILE B 138 2.21 25.29 37.81
N THR B 139 0.94 25.73 37.88
CA THR B 139 0.31 26.11 39.15
C THR B 139 0.02 24.87 40.00
N ASN B 140 -0.61 23.87 39.39
CA ASN B 140 -0.98 22.62 40.07
C ASN B 140 0.14 21.59 40.18
N LYS B 141 1.25 21.80 39.44
CA LYS B 141 2.41 20.90 39.45
C LYS B 141 2.06 19.52 38.90
N VAL B 142 1.70 19.49 37.60
CA VAL B 142 1.29 18.27 36.90
C VAL B 142 2.02 18.18 35.55
N ASN B 143 2.37 16.96 35.15
CA ASN B 143 3.07 16.73 33.88
C ASN B 143 2.15 16.87 32.68
N MET B 144 2.75 17.02 31.49
CA MET B 144 2.03 17.32 30.26
C MET B 144 2.72 16.74 29.03
N VAL B 145 1.93 16.42 28.00
CA VAL B 145 2.45 16.07 26.67
C VAL B 145 1.59 16.73 25.58
N THR B 146 2.23 17.07 24.46
CA THR B 146 1.58 17.81 23.38
C THR B 146 1.93 17.18 22.03
N ALA B 147 0.97 17.17 21.11
CA ALA B 147 1.14 16.58 19.78
C ALA B 147 1.20 17.67 18.70
N SER B 148 1.96 18.73 18.96
CA SER B 148 2.02 19.90 18.06
C SER B 148 3.22 20.80 18.38
N TYR B 149 3.33 21.91 17.64
CA TYR B 149 4.48 22.84 17.74
C TYR B 149 4.64 23.44 19.14
N ILE B 150 5.90 23.67 19.53
CA ILE B 150 6.23 24.48 20.70
C ILE B 150 6.40 25.92 20.21
N THR B 151 5.35 26.73 20.38
CA THR B 151 5.31 28.10 19.88
C THR B 151 6.19 29.04 20.72
N PRO B 152 6.49 30.25 20.19
CA PRO B 152 7.21 31.29 20.97
C PRO B 152 6.55 31.66 22.31
N ALA B 153 5.22 31.64 22.36
CA ALA B 153 4.48 31.92 23.60
C ALA B 153 4.74 30.86 24.67
N LEU B 154 4.74 29.59 24.28
CA LEU B 154 5.03 28.47 25.19
C LEU B 154 6.50 28.46 25.66
N LYS B 155 7.40 28.95 24.81
CA LYS B 155 8.83 29.05 25.16
C LYS B 155 9.11 30.03 26.30
N GLU B 156 8.29 31.08 26.42
CA GLU B 156 8.40 32.05 27.51
C GLU B 156 8.11 31.46 28.90
N LEU B 157 7.26 30.42 28.94
CA LEU B 157 6.92 29.73 30.20
C LEU B 157 8.03 28.83 30.75
N GLU B 158 9.04 28.49 29.94
CA GLU B 158 10.12 27.57 30.32
C GLU B 158 10.78 27.88 31.68
N LYS B 159 10.92 29.16 32.01
CA LYS B 159 11.46 29.58 33.30
C LYS B 159 10.56 29.15 34.47
N SER B 160 9.25 29.36 34.30
CA SER B 160 8.26 28.95 35.31
C SER B 160 8.08 27.43 35.41
N VAL B 161 8.28 26.72 34.29
CA VAL B 161 8.14 25.25 34.24
C VAL B 161 9.28 24.55 35.00
N GLU B 162 10.51 25.05 34.85
CA GLU B 162 11.67 24.51 35.58
C GLU B 162 11.58 24.71 37.09
N ASP B 163 11.04 25.85 37.52
CA ASP B 163 10.84 26.13 38.95
C ASP B 163 9.74 25.25 39.56
N ALA B 164 8.70 24.95 38.78
CA ALA B 164 7.62 24.06 39.21
C ALA B 164 8.07 22.61 39.40
N GLY B 165 9.05 22.17 38.61
CA GLY B 165 9.60 20.83 38.71
C GLY B 165 8.71 19.78 38.06
N ILE B 166 8.37 20.02 36.79
CA ILE B 166 7.50 19.13 36.02
C ILE B 166 8.00 18.96 34.59
N THR B 167 7.51 17.91 33.93
CA THR B 167 7.92 17.55 32.57
C THR B 167 6.83 17.94 31.57
N ILE B 168 7.22 18.70 30.54
CA ILE B 168 6.34 19.03 29.41
C ILE B 168 7.07 18.65 28.12
N ILE B 169 6.51 17.69 27.38
CA ILE B 169 7.10 17.19 26.13
C ILE B 169 6.26 17.64 24.94
N GLY B 170 6.79 18.59 24.17
CA GLY B 170 6.14 19.10 22.96
C GLY B 170 6.68 18.52 21.68
N GLU B 171 6.07 18.90 20.56
CA GLU B 171 6.49 18.45 19.21
C GLU B 171 6.55 16.93 19.07
N LEU B 172 5.37 16.30 19.12
CA LEU B 172 5.22 14.86 18.92
C LEU B 172 4.19 14.62 17.82
N GLY B 173 4.32 13.48 17.15
CA GLY B 173 3.47 13.11 16.02
C GLY B 173 4.28 12.85 14.77
N LEU B 174 3.70 13.12 13.60
CA LEU B 174 4.38 12.88 12.32
C LEU B 174 5.39 13.98 12.04
N ASP B 175 4.89 15.22 12.00
CA ASP B 175 5.71 16.40 11.68
C ASP B 175 5.02 17.66 12.22
N PRO B 176 5.53 18.29 13.28
CA PRO B 176 6.76 17.90 13.98
C PRO B 176 6.59 16.68 14.88
N GLY B 177 7.65 15.87 14.99
CA GLY B 177 7.65 14.69 15.85
C GLY B 177 8.59 13.60 15.36
N LEU B 178 8.09 12.68 14.55
CA LEU B 178 8.88 11.57 14.01
C LEU B 178 10.02 12.03 13.10
N ASP B 179 9.86 13.18 12.45
CA ASP B 179 10.96 13.79 11.67
C ASP B 179 12.18 14.10 12.54
N HIS B 180 11.95 14.55 13.78
CA HIS B 180 13.02 14.80 14.74
C HIS B 180 13.67 13.49 15.21
N MET B 181 12.83 12.48 15.46
CA MET B 181 13.28 11.19 15.98
C MET B 181 14.16 10.43 14.99
N LEU B 182 13.72 10.37 13.73
CA LEU B 182 14.52 9.76 12.66
C LEU B 182 15.82 10.52 12.40
N ALA B 183 15.75 11.85 12.48
CA ALA B 183 16.92 12.70 12.27
C ALA B 183 17.97 12.54 13.37
N MET B 184 17.55 12.68 14.62
CA MET B 184 18.46 12.61 15.78
C MET B 184 19.03 11.21 16.04
N GLU B 185 18.31 10.16 15.66
CA GLU B 185 18.84 8.79 15.71
C GLU B 185 20.08 8.66 14.83
N SER B 186 20.02 9.27 13.65
CA SER B 186 21.10 9.19 12.67
C SER B 186 22.25 10.17 12.97
N ILE B 187 21.91 11.35 13.48
CA ILE B 187 22.90 12.38 13.82
C ILE B 187 23.74 12.00 15.05
N ASP B 188 23.07 11.47 16.09
CA ASP B 188 23.78 11.02 17.30
C ASP B 188 24.73 9.86 17.01
N LYS B 189 24.30 8.90 16.18
CA LYS B 189 25.16 7.80 15.72
C LYS B 189 26.41 8.28 14.97
N ALA B 190 26.26 9.35 14.18
CA ALA B 190 27.38 9.97 13.46
C ALA B 190 28.38 10.62 14.40
N LYS B 191 27.88 11.43 15.33
CA LYS B 191 28.71 12.12 16.32
C LYS B 191 29.35 11.18 17.36
N GLU B 192 28.72 10.01 17.59
CA GLU B 192 29.31 8.96 18.43
C GLU B 192 30.66 8.42 17.89
N VAL B 193 30.87 8.49 16.57
CA VAL B 193 32.14 8.06 15.94
C VAL B 193 32.97 9.23 15.38
N GLY B 194 32.77 10.43 15.93
CA GLY B 194 33.53 11.62 15.52
C GLY B 194 33.24 12.17 14.14
N ALA B 195 32.09 11.83 13.57
CA ALA B 195 31.70 12.27 12.22
C ALA B 195 30.88 13.56 12.26
N THR B 196 30.82 14.25 11.12
CA THR B 196 30.05 15.48 10.95
C THR B 196 29.01 15.34 9.84
N ILE B 197 27.93 16.10 9.95
CA ILE B 197 26.84 16.09 8.96
C ILE B 197 27.11 17.18 7.93
N GLU B 198 27.26 16.77 6.67
CA GLU B 198 27.46 17.71 5.55
C GLU B 198 26.15 18.02 4.81
N SER B 199 25.32 17.00 4.60
CA SER B 199 24.08 17.12 3.84
C SER B 199 22.91 16.47 4.59
N TYR B 200 21.77 17.17 4.63
CA TYR B 200 20.52 16.64 5.18
C TYR B 200 19.34 17.03 4.29
N ILE B 201 18.91 16.09 3.45
CA ILE B 201 17.77 16.26 2.55
C ILE B 201 16.68 15.30 3.01
N SER B 202 15.49 15.84 3.32
CA SER B 202 14.38 15.06 3.85
C SER B 202 13.05 15.42 3.16
N TYR B 203 12.16 14.44 3.07
CA TYR B 203 10.85 14.60 2.44
C TYR B 203 9.78 13.78 3.18
N CYS B 204 8.57 14.32 3.24
CA CYS B 204 7.43 13.66 3.89
C CYS B 204 6.13 13.99 3.15
N GLY B 205 5.11 13.17 3.33
CA GLY B 205 3.82 13.42 2.70
C GLY B 205 2.70 12.48 3.10
N GLY B 206 1.55 13.05 3.46
CA GLY B 206 0.31 12.32 3.69
C GLY B 206 -0.55 12.43 2.44
N LEU B 207 -0.91 11.28 1.88
CA LEU B 207 -1.66 11.23 0.61
C LEU B 207 -2.42 9.90 0.48
N PRO B 208 -3.38 9.81 -0.48
CA PRO B 208 -4.15 8.57 -0.61
C PRO B 208 -3.30 7.37 -1.08
N ALA B 209 -3.82 6.16 -0.84
CA ALA B 209 -3.18 4.94 -1.34
C ALA B 209 -3.31 4.88 -2.86
N PRO B 210 -2.29 4.31 -3.55
CA PRO B 210 -2.23 4.30 -5.03
C PRO B 210 -3.53 3.97 -5.77
N GLU B 211 -4.29 3.02 -5.24
CA GLU B 211 -5.58 2.62 -5.82
C GLU B 211 -6.68 3.72 -5.80
N HIS B 212 -6.58 4.68 -4.88
CA HIS B 212 -7.52 5.81 -4.79
C HIS B 212 -6.91 7.13 -5.29
N SER B 213 -6.14 7.07 -6.38
CA SER B 213 -5.46 8.25 -6.95
C SER B 213 -5.95 8.69 -8.34
N ASN B 214 -6.98 8.03 -8.87
N ASN B 214 -6.98 8.03 -8.89
CA ASN B 214 -7.51 8.32 -10.21
CA ASN B 214 -7.46 8.34 -10.23
C ASN B 214 -8.42 9.54 -10.20
C ASN B 214 -8.42 9.54 -10.20
N ASN B 215 -7.82 10.73 -10.15
CA ASN B 215 -8.56 12.00 -10.22
C ASN B 215 -7.57 13.14 -10.60
N PRO B 216 -8.08 14.28 -11.11
CA PRO B 216 -7.20 15.36 -11.61
C PRO B 216 -6.05 15.80 -10.69
N LEU B 217 -6.30 15.86 -9.38
CA LEU B 217 -5.28 16.25 -8.41
C LEU B 217 -4.45 15.08 -7.84
N ARG B 218 -4.96 13.85 -7.98
CA ARG B 218 -4.37 12.66 -7.35
C ARG B 218 -4.29 12.85 -5.83
N TYR B 219 -5.42 13.23 -5.24
CA TYR B 219 -5.48 13.59 -3.82
C TYR B 219 -6.91 13.54 -3.28
N LYS B 220 -7.04 13.31 -1.98
CA LYS B 220 -8.33 13.35 -1.29
C LYS B 220 -8.17 14.14 0.02
N PHE B 221 -9.13 15.02 0.30
CA PHE B 221 -9.10 15.89 1.47
C PHE B 221 -9.97 15.34 2.60
N SER B 222 -9.45 15.44 3.83
CA SER B 222 -10.19 15.02 5.03
C SER B 222 -11.12 16.14 5.52
N TRP B 223 -10.62 17.37 5.52
CA TRP B 223 -11.39 18.56 5.88
C TRP B 223 -11.18 19.66 4.82
N SER B 224 -11.85 20.79 5.00
CA SER B 224 -11.80 21.91 4.05
C SER B 224 -10.37 22.47 3.88
N PRO B 225 -9.80 22.36 2.65
CA PRO B 225 -8.44 22.87 2.42
C PRO B 225 -8.40 24.39 2.23
N VAL B 226 -8.15 25.12 3.31
CA VAL B 226 -8.04 26.58 3.28
C VAL B 226 -6.57 26.99 3.22
N GLY B 227 -5.78 26.50 4.16
CA GLY B 227 -4.36 26.83 4.28
C GLY B 227 -3.46 26.24 3.20
N VAL B 228 -3.72 24.99 2.82
CA VAL B 228 -2.88 24.28 1.83
C VAL B 228 -2.91 24.91 0.43
N LEU B 229 -4.06 25.48 0.05
CA LEU B 229 -4.20 26.18 -1.23
C LEU B 229 -3.46 27.52 -1.22
N MET B 230 -3.58 28.25 -0.11
CA MET B 230 -2.90 29.55 0.07
C MET B 230 -1.38 29.39 0.24
N ASN B 231 -0.93 28.22 0.69
CA ASN B 231 0.50 27.94 0.86
C ASN B 231 1.33 27.93 -0.44
N VAL B 232 0.66 27.78 -1.59
CA VAL B 232 1.32 27.89 -2.90
C VAL B 232 1.81 29.33 -3.16
N MET B 233 1.08 30.32 -2.64
CA MET B 233 1.46 31.73 -2.77
C MET B 233 2.71 32.08 -1.94
N GLN B 234 2.91 31.40 -0.81
CA GLN B 234 4.07 31.62 0.06
C GLN B 234 5.37 31.12 -0.59
N SER B 235 6.47 31.79 -0.28
CA SER B 235 7.78 31.46 -0.84
C SER B 235 8.46 30.32 -0.07
N ALA B 236 9.52 29.78 -0.66
CA ALA B 236 10.31 28.70 -0.05
C ALA B 236 11.77 29.14 0.12
N THR B 237 12.38 28.71 1.22
CA THR B 237 13.77 29.06 1.56
C THR B 237 14.53 27.84 2.07
N TYR B 238 15.75 27.64 1.55
CA TYR B 238 16.60 26.53 1.99
C TYR B 238 18.09 26.75 1.68
N LEU B 239 18.93 25.94 2.31
CA LEU B 239 20.39 26.01 2.16
C LEU B 239 20.86 24.95 1.17
N LEU B 240 21.81 25.32 0.29
CA LEU B 240 22.35 24.42 -0.72
C LEU B 240 23.76 24.84 -1.14
N ASP B 241 24.75 24.00 -0.85
CA ASP B 241 26.16 24.24 -1.19
C ASP B 241 26.69 25.57 -0.67
N GLY B 242 26.38 25.87 0.60
CA GLY B 242 26.88 27.07 1.27
C GLY B 242 26.29 28.39 0.80
N LYS B 243 24.99 28.40 0.53
CA LYS B 243 24.27 29.64 0.16
C LYS B 243 22.76 29.49 0.36
N VAL B 244 22.13 30.57 0.82
CA VAL B 244 20.69 30.58 1.09
C VAL B 244 19.93 30.79 -0.23
N VAL B 245 19.22 29.75 -0.67
CA VAL B 245 18.41 29.81 -1.89
C VAL B 245 17.01 30.29 -1.55
N ASN B 246 16.41 31.06 -2.47
CA ASN B 246 15.03 31.55 -2.33
C ASN B 246 14.24 31.25 -3.59
N VAL B 247 13.02 30.75 -3.42
CA VAL B 247 12.12 30.42 -4.51
C VAL B 247 10.77 31.07 -4.26
N ALA B 248 10.30 31.86 -5.24
CA ALA B 248 9.02 32.57 -5.12
C ALA B 248 7.83 31.64 -5.35
N GLY B 249 6.69 32.01 -4.79
CA GLY B 249 5.43 31.29 -4.98
C GLY B 249 4.71 31.74 -6.25
N GLY B 250 3.41 31.45 -6.31
CA GLY B 250 2.56 31.85 -7.44
C GLY B 250 2.78 30.99 -8.67
N ILE B 251 2.90 31.65 -9.83
CA ILE B 251 3.04 30.97 -11.13
C ILE B 251 4.39 30.23 -11.28
N SER B 252 5.47 30.81 -10.75
CA SER B 252 6.82 30.29 -10.93
C SER B 252 7.20 29.11 -10.02
N PHE B 253 6.34 28.78 -9.05
CA PHE B 253 6.63 27.68 -8.09
C PHE B 253 6.65 26.29 -8.74
N LEU B 254 5.92 26.11 -9.83
CA LEU B 254 5.88 24.83 -10.57
C LEU B 254 7.24 24.39 -11.13
N ASP B 255 8.10 25.36 -11.44
CA ASP B 255 9.48 25.06 -11.91
C ASP B 255 10.34 24.39 -10.84
N ALA B 256 10.06 24.66 -9.56
CA ALA B 256 10.79 24.05 -8.44
C ALA B 256 10.39 22.59 -8.15
N VAL B 257 9.29 22.11 -8.73
CA VAL B 257 8.83 20.74 -8.51
C VAL B 257 9.69 19.77 -9.33
N THR B 258 10.11 18.67 -8.68
CA THR B 258 10.96 17.65 -9.31
C THR B 258 10.43 16.25 -9.02
N SER B 259 10.79 15.30 -9.88
CA SER B 259 10.34 13.91 -9.76
C SER B 259 11.14 13.18 -8.68
N MET B 260 10.42 12.48 -7.81
CA MET B 260 11.01 11.69 -6.73
C MET B 260 10.88 10.21 -7.05
N ASP B 261 11.97 9.61 -7.57
CA ASP B 261 11.97 8.23 -8.05
C ASP B 261 12.83 7.31 -7.17
N PHE B 262 12.71 7.45 -5.85
CA PHE B 262 13.41 6.57 -4.90
C PHE B 262 12.73 5.20 -4.77
N PHE B 263 11.40 5.17 -4.92
CA PHE B 263 10.64 3.93 -5.12
C PHE B 263 10.15 3.89 -6.57
N PRO B 264 10.79 3.07 -7.44
CA PRO B 264 10.40 2.97 -8.87
C PRO B 264 8.92 2.67 -9.12
N GLY B 265 8.32 1.82 -8.28
CA GLY B 265 6.90 1.46 -8.40
C GLY B 265 5.92 2.59 -8.07
N LEU B 266 6.35 3.53 -7.23
CA LEU B 266 5.52 4.68 -6.84
C LEU B 266 5.88 5.90 -7.70
N ASN B 267 4.85 6.67 -8.08
CA ASN B 267 4.99 7.77 -9.03
C ASN B 267 4.84 9.12 -8.32
N LEU B 268 5.90 9.52 -7.61
CA LEU B 268 5.89 10.71 -6.74
C LEU B 268 6.58 11.93 -7.37
N GLU B 269 6.24 13.09 -6.81
CA GLU B 269 6.98 14.35 -7.05
C GLU B 269 7.26 15.00 -5.70
N GLY B 270 7.99 16.10 -5.71
CA GLY B 270 8.31 16.82 -4.47
C GLY B 270 8.71 18.27 -4.66
N TYR B 271 8.56 19.06 -3.58
CA TYR B 271 8.91 20.47 -3.57
C TYR B 271 9.30 20.95 -2.16
N PRO B 272 10.08 22.05 -2.05
CA PRO B 272 10.57 22.48 -0.73
C PRO B 272 9.49 23.15 0.15
N ASN B 273 9.65 23.00 1.47
CA ASN B 273 8.77 23.65 2.45
C ASN B 273 9.13 25.13 2.62
N ARG B 274 8.31 25.85 3.38
CA ARG B 274 8.47 27.30 3.59
C ARG B 274 9.84 27.71 4.11
N ASP B 275 10.39 26.95 5.06
CA ASP B 275 11.71 27.23 5.63
C ASP B 275 12.42 25.94 6.08
N SER B 276 13.64 25.76 5.60
CA SER B 276 14.51 24.64 5.98
C SER B 276 15.76 25.05 6.79
N THR B 277 16.04 26.36 6.88
CA THR B 277 17.24 26.86 7.58
C THR B 277 17.16 26.74 9.11
N LYS B 278 15.93 26.73 9.65
CA LYS B 278 15.72 26.59 11.11
C LYS B 278 16.23 25.28 11.73
N TYR B 279 16.34 24.22 10.92
CA TYR B 279 16.77 22.90 11.41
C TYR B 279 18.28 22.77 11.71
N ALA B 280 19.08 23.79 11.34
CA ALA B 280 20.51 23.83 11.68
C ALA B 280 20.74 23.97 13.18
N GLU B 281 20.04 24.93 13.80
CA GLU B 281 20.12 25.16 15.24
C GLU B 281 19.39 24.09 16.06
N ILE B 282 18.31 23.52 15.51
CA ILE B 282 17.48 22.54 16.24
C ILE B 282 18.22 21.22 16.43
N TYR B 283 18.69 20.62 15.35
CA TYR B 283 19.45 19.35 15.40
C TYR B 283 20.94 19.52 15.70
N GLY B 284 21.44 20.76 15.63
CA GLY B 284 22.85 21.05 15.90
C GLY B 284 23.76 20.65 14.74
N ILE B 285 23.39 21.08 13.54
CA ILE B 285 24.13 20.77 12.32
C ILE B 285 24.36 22.03 11.47
N SER B 286 24.99 23.03 12.09
CA SER B 286 25.42 24.24 11.40
C SER B 286 26.56 23.98 10.40
N SER B 287 27.33 22.92 10.64
CA SER B 287 28.40 22.48 9.74
C SER B 287 27.92 22.03 8.35
N ALA B 288 26.66 21.59 8.27
CA ALA B 288 26.08 21.12 7.00
C ALA B 288 25.98 22.22 5.94
N HIS B 289 26.27 21.86 4.70
CA HIS B 289 26.21 22.79 3.56
C HIS B 289 24.90 22.71 2.76
N THR B 290 24.10 21.67 3.00
CA THR B 290 22.80 21.48 2.33
C THR B 290 21.74 21.05 3.34
N LEU B 291 20.70 21.87 3.49
CA LEU B 291 19.54 21.58 4.33
C LEU B 291 18.28 21.73 3.48
N LEU B 292 17.40 20.72 3.50
CA LEU B 292 16.21 20.73 2.65
C LEU B 292 15.11 19.82 3.19
N ARG B 293 14.02 20.44 3.67
CA ARG B 293 12.80 19.74 4.07
C ARG B 293 11.72 20.04 3.04
N GLY B 294 11.06 18.98 2.55
CA GLY B 294 10.07 19.09 1.47
C GLY B 294 8.83 18.24 1.68
N THR B 295 7.86 18.43 0.78
CA THR B 295 6.57 17.71 0.81
C THR B 295 6.48 16.76 -0.37
N LEU B 296 5.81 15.62 -0.18
CA LEU B 296 5.63 14.60 -1.22
C LEU B 296 4.19 14.53 -1.70
N ARG B 297 4.01 14.47 -3.01
CA ARG B 297 2.70 14.28 -3.65
C ARG B 297 2.87 13.35 -4.85
N TYR B 298 1.74 12.88 -5.41
CA TYR B 298 1.76 12.16 -6.68
C TYR B 298 1.95 13.15 -7.82
N LYS B 299 2.46 12.66 -8.96
CA LYS B 299 2.72 13.52 -10.13
C LYS B 299 1.43 14.08 -10.72
N GLY B 300 1.44 15.37 -11.03
CA GLY B 300 0.27 16.07 -11.57
C GLY B 300 -0.49 16.94 -10.57
N TYR B 301 -0.13 16.85 -9.29
CA TYR B 301 -0.80 17.62 -8.22
C TYR B 301 -0.54 19.12 -8.36
N MET B 302 0.75 19.50 -8.36
CA MET B 302 1.14 20.91 -8.44
C MET B 302 0.83 21.53 -9.80
N LYS B 303 0.91 20.74 -10.87
CA LYS B 303 0.53 21.18 -12.21
C LYS B 303 -0.97 21.51 -12.31
N ALA B 304 -1.79 20.73 -11.61
CA ALA B 304 -3.23 20.99 -11.52
C ALA B 304 -3.52 22.27 -10.70
N LEU B 305 -2.84 22.39 -9.56
CA LEU B 305 -2.95 23.60 -8.73
C LEU B 305 -2.43 24.87 -9.42
N ASN B 306 -1.38 24.72 -10.25
CA ASN B 306 -0.85 25.83 -11.04
C ASN B 306 -1.88 26.34 -12.07
N GLY B 307 -2.71 25.45 -12.58
CA GLY B 307 -3.84 25.81 -13.45
C GLY B 307 -4.87 26.70 -12.78
N PHE B 308 -5.15 26.44 -11.50
CA PHE B 308 -6.08 27.27 -10.71
C PHE B 308 -5.50 28.66 -10.41
N VAL B 309 -4.17 28.75 -10.28
CA VAL B 309 -3.48 30.03 -10.10
C VAL B 309 -3.56 30.89 -11.36
N LYS B 310 -3.42 30.26 -12.53
CA LYS B 310 -3.55 30.95 -13.83
C LYS B 310 -4.93 31.57 -14.03
N LEU B 311 -5.98 30.82 -13.72
CA LEU B 311 -7.37 31.29 -13.84
C LEU B 311 -7.73 32.37 -12.80
N GLY B 312 -7.02 32.40 -11.68
CA GLY B 312 -7.20 33.41 -10.63
C GLY B 312 -8.24 33.00 -9.60
N LEU B 313 -8.22 31.72 -9.23
CA LEU B 313 -9.15 31.16 -8.23
C LEU B 313 -8.60 31.31 -6.80
N ILE B 314 -7.28 31.19 -6.66
CA ILE B 314 -6.64 31.29 -5.35
C ILE B 314 -6.40 32.76 -4.99
N ASN B 315 -7.42 33.39 -4.43
CA ASN B 315 -7.33 34.79 -3.95
C ASN B 315 -8.45 35.12 -2.96
N ARG B 316 -8.09 35.81 -1.87
CA ARG B 316 -9.04 36.20 -0.83
C ARG B 316 -9.46 37.66 -1.02
N GLU B 317 -10.56 37.86 -1.74
CA GLU B 317 -11.10 39.19 -2.01
C GLU B 317 -12.63 39.23 -2.10
N ALA B 318 -13.29 38.39 -1.29
CA ALA B 318 -14.77 38.29 -1.24
C ALA B 318 -15.42 37.72 -2.51
N LEU B 319 -16.65 37.25 -2.36
CA LEU B 319 -17.44 36.72 -3.48
C LEU B 319 -18.13 37.85 -4.24
N PRO B 320 -18.48 37.63 -5.52
CA PRO B 320 -19.10 38.69 -6.32
C PRO B 320 -20.56 38.91 -5.98
N PRO B 328 -29.25 33.35 -8.21
CA PRO B 328 -28.33 32.33 -7.71
C PRO B 328 -27.07 32.22 -8.58
N LEU B 329 -25.90 32.41 -7.97
CA LEU B 329 -24.62 32.35 -8.68
C LEU B 329 -24.23 30.90 -8.97
N THR B 330 -23.53 30.70 -10.10
CA THR B 330 -23.01 29.38 -10.50
C THR B 330 -21.55 29.45 -10.92
N TRP B 331 -20.93 28.27 -11.05
CA TRP B 331 -19.51 28.18 -11.42
C TRP B 331 -19.24 28.60 -12.87
N LYS B 332 -20.22 28.40 -13.76
CA LYS B 332 -20.18 28.90 -15.13
C LYS B 332 -20.11 30.43 -15.15
N GLN B 333 -20.95 31.07 -14.34
CA GLN B 333 -21.00 32.54 -14.24
C GLN B 333 -19.74 33.13 -13.59
N LEU B 334 -19.23 32.47 -12.55
CA LEU B 334 -18.04 32.93 -11.84
C LEU B 334 -16.77 32.83 -12.69
N LEU B 335 -16.64 31.76 -13.48
CA LEU B 335 -15.46 31.54 -14.32
C LEU B 335 -15.34 32.56 -15.47
N CYS B 336 -16.47 32.97 -16.03
CA CYS B 336 -16.52 34.00 -17.08
C CYS B 336 -16.09 35.38 -16.58
N ASP B 337 -16.45 35.71 -15.34
CA ASP B 337 -16.09 36.99 -14.71
C ASP B 337 -14.59 37.11 -14.46
N LEU B 338 -13.95 36.01 -14.06
CA LEU B 338 -12.50 35.98 -13.80
C LEU B 338 -11.69 36.14 -15.08
N VAL B 339 -12.02 35.33 -16.10
CA VAL B 339 -11.35 35.40 -17.40
C VAL B 339 -11.80 36.63 -18.19
N SER B 344 -21.22 37.45 -16.56
CA SER B 344 -21.63 36.29 -17.35
C SER B 344 -21.18 36.39 -18.81
N SER B 345 -21.43 35.33 -19.58
CA SER B 345 -21.11 35.28 -21.01
C SER B 345 -21.93 34.21 -21.73
N GLU B 346 -21.65 34.02 -23.02
CA GLU B 346 -22.38 33.04 -23.85
C GLU B 346 -21.98 31.60 -23.56
N HIS B 347 -22.70 30.66 -24.17
CA HIS B 347 -22.46 29.22 -23.99
C HIS B 347 -21.17 28.77 -24.67
N ASP B 348 -20.62 27.66 -24.18
CA ASP B 348 -19.31 27.14 -24.61
C ASP B 348 -18.19 28.10 -24.18
N VAL B 349 -17.57 28.81 -25.14
CA VAL B 349 -16.45 29.74 -24.86
C VAL B 349 -15.34 29.05 -24.05
N LEU B 350 -14.96 27.85 -24.50
CA LEU B 350 -13.85 27.10 -23.89
C LEU B 350 -12.49 27.71 -24.24
N LYS B 351 -12.44 28.45 -25.36
CA LYS B 351 -11.25 29.20 -25.76
C LYS B 351 -10.80 30.26 -24.74
N GLU B 352 -11.76 30.85 -24.03
CA GLU B 352 -11.46 31.85 -22.99
C GLU B 352 -10.73 31.25 -21.77
N ALA B 353 -11.12 30.03 -21.39
CA ALA B 353 -10.48 29.32 -20.28
C ALA B 353 -9.09 28.83 -20.63
N VAL B 354 -8.97 28.16 -21.79
CA VAL B 354 -7.70 27.57 -22.24
C VAL B 354 -6.64 28.60 -22.65
N LEU B 355 -7.07 29.78 -23.12
CA LEU B 355 -6.16 30.87 -23.49
C LEU B 355 -5.42 31.42 -22.27
N LYS B 356 -6.20 31.75 -21.23
CA LYS B 356 -5.63 32.25 -19.98
C LYS B 356 -4.85 31.16 -19.23
N LYS B 357 -5.33 29.92 -19.32
CA LYS B 357 -4.70 28.77 -18.68
C LYS B 357 -3.60 28.17 -19.57
N LEU B 358 -2.46 28.87 -19.63
CA LEU B 358 -1.27 28.45 -20.39
C LEU B 358 -1.46 28.43 -21.91
N GLY B 359 -0.39 28.08 -22.64
CA GLY B 359 -0.43 27.99 -24.09
C GLY B 359 -1.03 26.69 -24.58
N GLY B 360 -2.36 26.59 -24.48
CA GLY B 360 -3.10 25.41 -24.96
C GLY B 360 -2.91 24.18 -24.09
N ASP B 361 -2.99 24.36 -22.77
CA ASP B 361 -2.82 23.26 -21.82
C ASP B 361 -4.14 22.47 -21.70
N ASN B 362 -4.18 21.30 -22.33
CA ASN B 362 -5.37 20.45 -22.33
C ASN B 362 -5.56 19.69 -21.00
N THR B 363 -4.46 19.34 -20.35
CA THR B 363 -4.49 18.64 -19.06
C THR B 363 -5.13 19.49 -17.96
N GLN B 364 -4.75 20.76 -17.90
CA GLN B 364 -5.30 21.71 -16.91
C GLN B 364 -6.76 22.10 -17.24
N LEU B 365 -7.12 22.09 -18.52
CA LEU B 365 -8.49 22.38 -18.96
C LEU B 365 -9.46 21.26 -18.57
N GLU B 366 -9.07 20.02 -18.86
CA GLU B 366 -9.88 18.84 -18.53
C GLU B 366 -10.04 18.61 -17.01
N ALA B 367 -9.08 19.10 -16.22
CA ALA B 367 -9.19 19.08 -14.75
C ALA B 367 -10.35 19.94 -14.25
N ALA B 368 -10.54 21.11 -14.87
CA ALA B 368 -11.66 22.00 -14.55
C ALA B 368 -13.00 21.42 -14.97
N GLU B 369 -13.03 20.78 -16.14
CA GLU B 369 -14.23 20.10 -16.65
C GLU B 369 -14.65 18.91 -15.78
N TRP B 370 -13.68 18.15 -15.30
CA TRP B 370 -13.93 16.97 -14.46
C TRP B 370 -14.53 17.34 -13.11
N LEU B 371 -13.94 18.33 -12.44
CA LEU B 371 -14.46 18.85 -11.18
C LEU B 371 -15.79 19.58 -11.35
N GLY B 372 -15.99 20.20 -12.51
CA GLY B 372 -17.24 20.87 -12.84
C GLY B 372 -17.22 22.36 -12.52
N LEU B 373 -16.15 23.03 -12.95
CA LEU B 373 -16.01 24.48 -12.80
C LEU B 373 -16.67 25.25 -13.96
N LEU B 374 -16.96 24.54 -15.06
CA LEU B 374 -17.72 25.11 -16.19
C LEU B 374 -19.22 24.77 -16.12
N GLY B 375 -19.61 23.84 -15.25
CA GLY B 375 -21.01 23.43 -15.10
C GLY B 375 -21.87 24.46 -14.37
N ASP B 376 -23.15 24.11 -14.19
CA ASP B 376 -24.15 25.02 -13.62
C ASP B 376 -24.52 24.69 -12.16
N GLU B 377 -23.55 24.20 -11.39
CA GLU B 377 -23.77 23.85 -9.98
C GLU B 377 -23.75 25.11 -9.11
N GLN B 378 -24.44 25.03 -7.97
CA GLN B 378 -24.52 26.15 -7.02
C GLN B 378 -23.22 26.33 -6.23
N VAL B 379 -22.87 27.58 -5.97
CA VAL B 379 -21.67 27.93 -5.20
C VAL B 379 -22.08 28.13 -3.74
N PRO B 380 -21.35 27.50 -2.79
CA PRO B 380 -21.73 27.62 -1.37
C PRO B 380 -21.40 28.99 -0.76
N GLN B 381 -22.04 29.31 0.36
CA GLN B 381 -21.82 30.57 1.07
C GLN B 381 -20.46 30.56 1.76
N ALA B 382 -19.54 31.39 1.26
CA ALA B 382 -18.17 31.47 1.78
C ALA B 382 -17.67 32.91 1.88
N GLU B 383 -16.69 33.12 2.75
CA GLU B 383 -16.12 34.46 2.99
C GLU B 383 -15.32 35.02 1.81
N SER B 384 -14.82 34.14 0.94
CA SER B 384 -14.03 34.55 -0.22
C SER B 384 -14.09 33.52 -1.35
N ILE B 385 -13.47 33.84 -2.49
CA ILE B 385 -13.42 32.93 -3.65
C ILE B 385 -12.54 31.71 -3.36
N LEU B 386 -11.47 31.91 -2.59
CA LEU B 386 -10.60 30.81 -2.14
C LEU B 386 -11.34 29.81 -1.25
N ASP B 387 -12.08 30.33 -0.26
CA ASP B 387 -12.88 29.51 0.64
C ASP B 387 -14.07 28.84 -0.06
N ALA B 388 -14.58 29.48 -1.11
CA ALA B 388 -15.64 28.91 -1.95
C ALA B 388 -15.17 27.68 -2.72
N LEU B 389 -13.95 27.73 -3.25
CA LEU B 389 -13.32 26.60 -3.93
C LEU B 389 -12.98 25.44 -2.98
N SER B 390 -12.65 25.79 -1.73
CA SER B 390 -12.37 24.78 -0.69
C SER B 390 -13.58 23.91 -0.37
N LYS B 391 -14.75 24.54 -0.25
CA LYS B 391 -16.01 23.81 -0.02
C LYS B 391 -16.45 22.93 -1.21
N HIS B 392 -16.01 23.29 -2.42
CA HIS B 392 -16.31 22.52 -3.62
C HIS B 392 -15.39 21.30 -3.78
N LEU B 393 -14.10 21.50 -3.50
CA LEU B 393 -13.11 20.42 -3.58
C LEU B 393 -13.31 19.34 -2.51
N VAL B 394 -13.67 19.76 -1.29
CA VAL B 394 -13.96 18.81 -0.20
C VAL B 394 -15.24 17.99 -0.44
N MET B 395 -16.17 18.51 -1.26
CA MET B 395 -17.34 17.74 -1.69
C MET B 395 -16.98 16.66 -2.70
N LYS B 396 -16.29 17.07 -3.77
CA LYS B 396 -15.91 16.16 -4.86
C LYS B 396 -14.79 15.20 -4.46
N LEU B 397 -13.64 15.76 -4.11
CA LEU B 397 -12.47 14.98 -3.70
C LEU B 397 -12.47 14.79 -2.18
N SER B 398 -12.93 13.62 -1.73
CA SER B 398 -13.08 13.33 -0.30
C SER B 398 -12.81 11.86 0.01
N TYR B 399 -12.36 11.59 1.23
CA TYR B 399 -12.15 10.22 1.69
C TYR B 399 -13.50 9.57 2.03
N GLY B 400 -13.79 8.46 1.35
CA GLY B 400 -14.99 7.67 1.63
C GLY B 400 -14.82 6.79 2.86
N PRO B 401 -15.83 5.95 3.16
CA PRO B 401 -15.77 5.07 4.33
C PRO B 401 -14.73 3.94 4.19
N GLU B 402 -14.64 3.34 3.02
CA GLU B 402 -13.73 2.21 2.76
C GLU B 402 -12.64 2.60 1.75
N GLU B 403 -11.90 3.66 2.07
CA GLU B 403 -10.78 4.15 1.25
C GLU B 403 -9.59 4.48 2.14
N LYS B 404 -8.46 3.80 1.89
CA LYS B 404 -7.27 3.92 2.73
C LYS B 404 -6.37 5.10 2.31
N ASP B 405 -5.61 5.60 3.28
CA ASP B 405 -4.62 6.67 3.04
C ASP B 405 -3.21 6.11 3.24
N MET B 406 -2.19 6.95 3.12
CA MET B 406 -0.79 6.53 3.20
C MET B 406 0.12 7.65 3.71
N ILE B 407 1.14 7.26 4.48
CA ILE B 407 2.23 8.15 4.88
C ILE B 407 3.51 7.62 4.27
N VAL B 408 4.32 8.51 3.68
CA VAL B 408 5.63 8.16 3.13
C VAL B 408 6.64 9.21 3.58
N MET B 409 7.77 8.75 4.13
CA MET B 409 8.81 9.63 4.66
C MET B 409 10.18 9.16 4.19
N ARG B 410 11.01 10.09 3.71
CA ARG B 410 12.29 9.78 3.07
C ARG B 410 13.37 10.78 3.50
N ASP B 411 14.32 10.31 4.31
CA ASP B 411 15.49 11.11 4.71
C ASP B 411 16.75 10.64 3.99
N SER B 412 17.68 11.57 3.78
CA SER B 412 18.95 11.29 3.11
C SER B 412 20.07 12.10 3.75
N PHE B 413 21.10 11.39 4.25
CA PHE B 413 22.22 12.01 4.97
C PHE B 413 23.53 11.86 4.21
N GLY B 414 24.41 12.86 4.37
CA GLY B 414 25.78 12.83 3.86
C GLY B 414 26.75 13.03 5.02
N ILE B 415 27.21 11.92 5.59
CA ILE B 415 28.01 11.95 6.82
C ILE B 415 29.50 11.81 6.49
N ARG B 416 30.29 12.80 6.88
CA ARG B 416 31.74 12.80 6.67
C ARG B 416 32.46 12.29 7.92
N HIS B 417 33.09 11.11 7.80
CA HIS B 417 33.86 10.52 8.90
C HIS B 417 35.27 11.13 8.95
N PRO B 418 35.96 11.01 10.11
CA PRO B 418 37.35 11.52 10.20
C PRO B 418 38.35 10.76 9.32
N SER B 419 38.00 9.55 8.91
CA SER B 419 38.72 8.80 7.85
C SER B 419 38.86 9.61 6.55
N GLY B 420 37.78 10.29 6.16
CA GLY B 420 37.72 11.05 4.91
C GLY B 420 36.61 10.58 3.98
N HIS B 421 36.12 9.35 4.18
CA HIS B 421 35.08 8.78 3.34
C HIS B 421 33.72 9.44 3.60
N LEU B 422 32.88 9.46 2.58
CA LEU B 422 31.53 10.02 2.65
C LEU B 422 30.51 8.88 2.73
N GLU B 423 29.72 8.86 3.80
CA GLU B 423 28.67 7.87 3.99
C GLU B 423 27.34 8.43 3.48
N HIS B 424 26.75 7.77 2.49
CA HIS B 424 25.42 8.12 1.98
C HIS B 424 24.41 7.19 2.64
N LYS B 425 23.67 7.72 3.62
CA LYS B 425 22.69 6.96 4.40
C LYS B 425 21.27 7.39 4.06
N THR B 426 20.37 6.42 3.92
CA THR B 426 18.96 6.68 3.60
C THR B 426 18.03 5.98 4.59
N ILE B 427 16.91 6.65 4.91
CA ILE B 427 15.92 6.15 5.88
C ILE B 427 14.53 6.26 5.28
N ASP B 428 13.79 5.15 5.26
CA ASP B 428 12.41 5.11 4.75
C ASP B 428 11.46 4.81 5.90
N LEU B 429 10.35 5.55 5.97
CA LEU B 429 9.25 5.25 6.89
C LEU B 429 7.94 5.29 6.11
N VAL B 430 7.23 4.17 6.09
CA VAL B 430 5.98 4.01 5.33
C VAL B 430 4.90 3.39 6.22
N ALA B 431 3.66 3.80 6.00
CA ALA B 431 2.51 3.28 6.75
C ALA B 431 1.22 3.40 5.93
N TYR B 432 0.35 2.40 6.06
CA TYR B 432 -0.94 2.37 5.38
C TYR B 432 -2.08 2.39 6.40
N GLY B 433 -3.23 2.92 5.99
CA GLY B 433 -4.43 2.93 6.82
C GLY B 433 -5.05 1.55 6.92
N ASP B 434 -5.82 1.33 7.98
CA ASP B 434 -6.51 0.06 8.21
C ASP B 434 -7.99 0.21 7.86
N ILE B 435 -8.56 -0.82 7.24
CA ILE B 435 -9.98 -0.85 6.86
C ILE B 435 -10.86 -0.91 8.11
N ASN B 436 -10.56 -1.84 8.99
CA ASN B 436 -11.23 -1.98 10.29
C ASN B 436 -10.31 -1.42 11.40
N GLY B 437 -9.92 -0.17 11.24
CA GLY B 437 -9.00 0.48 12.18
C GLY B 437 -8.77 1.96 11.89
N PHE B 438 -7.64 2.47 12.37
CA PHE B 438 -7.31 3.91 12.22
C PHE B 438 -6.58 4.18 10.92
N SER B 439 -6.58 5.45 10.53
CA SER B 439 -5.86 5.90 9.33
C SER B 439 -4.36 6.01 9.60
N ALA B 440 -3.58 6.03 8.52
CA ALA B 440 -2.12 6.21 8.61
C ALA B 440 -1.72 7.56 9.20
N MET B 441 -2.49 8.60 8.88
CA MET B 441 -2.29 9.94 9.45
C MET B 441 -2.62 9.97 10.94
N ALA B 442 -3.69 9.29 11.34
CA ALA B 442 -4.10 9.21 12.75
C ALA B 442 -3.10 8.45 13.62
N LYS B 443 -2.55 7.35 13.11
CA LYS B 443 -1.59 6.52 13.85
C LYS B 443 -0.25 7.22 14.06
N THR B 444 0.31 7.77 12.99
CA THR B 444 1.63 8.41 13.03
C THR B 444 1.65 9.72 13.85
N VAL B 445 0.53 10.44 13.87
CA VAL B 445 0.40 11.65 14.69
C VAL B 445 0.04 11.30 16.15
N GLY B 446 -0.88 10.34 16.32
CA GLY B 446 -1.40 9.99 17.65
C GLY B 446 -0.47 9.17 18.54
N LEU B 447 0.06 8.09 17.99
CA LEU B 447 0.79 7.07 18.79
C LEU B 447 2.08 7.54 19.47
N PRO B 448 2.89 8.41 18.81
CA PRO B 448 4.09 8.93 19.49
C PRO B 448 3.79 9.73 20.76
N THR B 449 2.71 10.52 20.74
CA THR B 449 2.26 11.27 21.92
C THR B 449 1.69 10.34 22.99
N ALA B 450 0.97 9.30 22.57
CA ALA B 450 0.42 8.29 23.48
C ALA B 450 1.52 7.45 24.15
N MET B 451 2.54 7.09 23.38
CA MET B 451 3.69 6.36 23.91
C MET B 451 4.51 7.21 24.90
N ALA B 452 4.68 8.49 24.56
CA ALA B 452 5.36 9.44 25.45
C ALA B 452 4.59 9.67 26.76
N ALA B 453 3.26 9.63 26.69
CA ALA B 453 2.41 9.71 27.88
C ALA B 453 2.57 8.50 28.80
N LYS B 454 2.69 7.32 28.21
CA LYS B 454 2.91 6.07 28.94
C LYS B 454 4.28 6.03 29.64
N MET B 455 5.30 6.57 28.98
CA MET B 455 6.66 6.62 29.53
C MET B 455 6.77 7.50 30.79
N LEU B 456 5.98 8.59 30.83
CA LEU B 456 5.93 9.47 32.01
C LEU B 456 5.23 8.80 33.21
N LEU B 457 4.14 8.10 32.94
CA LEU B 457 3.39 7.38 33.99
C LEU B 457 4.17 6.20 34.56
N ASP B 458 4.80 5.43 33.68
CA ASP B 458 5.64 4.28 34.08
C ASP B 458 6.92 4.71 34.83
N GLY B 459 7.39 5.93 34.58
CA GLY B 459 8.57 6.48 35.25
C GLY B 459 9.86 6.17 34.53
N GLU B 460 9.86 6.34 33.21
CA GLU B 460 11.02 6.10 32.35
C GLU B 460 11.78 7.39 32.04
N ILE B 461 11.03 8.44 31.67
CA ILE B 461 11.62 9.74 31.34
C ILE B 461 11.97 10.49 32.64
N GLY B 462 13.25 10.46 32.99
CA GLY B 462 13.76 11.15 34.18
C GLY B 462 14.05 12.64 34.00
N ALA B 463 14.07 13.13 32.76
CA ALA B 463 14.37 14.54 32.47
C ALA B 463 13.20 15.45 32.87
N LYS B 464 13.53 16.71 33.19
CA LYS B 464 12.56 17.71 33.65
C LYS B 464 12.65 18.99 32.82
N GLY B 465 11.57 19.78 32.86
CA GLY B 465 11.49 21.04 32.12
C GLY B 465 10.81 20.88 30.77
N LEU B 466 10.71 21.99 30.03
CA LEU B 466 10.11 22.00 28.69
C LEU B 466 11.12 21.45 27.67
N MET B 467 10.67 20.56 26.78
CA MET B 467 11.55 19.90 25.83
C MET B 467 10.80 19.26 24.65
N GLY B 468 11.58 18.87 23.63
CA GLY B 468 11.09 18.06 22.51
C GLY B 468 11.56 16.61 22.66
N PRO B 469 11.40 15.79 21.60
CA PRO B 469 11.89 14.41 21.59
C PRO B 469 13.27 14.30 20.90
N PHE B 470 14.22 15.11 21.36
CA PHE B 470 15.57 15.16 20.76
C PHE B 470 16.55 14.21 21.45
N SER B 471 16.36 13.96 22.74
CA SER B 471 17.21 13.04 23.51
C SER B 471 16.87 11.58 23.20
N LYS B 472 17.89 10.72 23.30
CA LYS B 472 17.74 9.27 23.05
C LYS B 472 16.80 8.58 24.06
N GLU B 473 16.71 9.15 25.26
CA GLU B 473 15.73 8.73 26.27
C GLU B 473 14.29 8.74 25.75
N ILE B 474 13.97 9.72 24.91
CA ILE B 474 12.62 9.86 24.34
C ILE B 474 12.47 9.11 23.02
N TYR B 475 13.31 9.44 22.03
CA TYR B 475 13.16 8.86 20.68
C TYR B 475 13.47 7.35 20.59
N GLY B 476 14.40 6.88 21.42
CA GLY B 476 14.83 5.47 21.40
C GLY B 476 13.73 4.47 21.67
N PRO B 477 13.06 4.57 22.83
CA PRO B 477 11.90 3.71 23.15
C PRO B 477 10.72 3.83 22.19
N ILE B 478 10.45 5.04 21.69
CA ILE B 478 9.31 5.28 20.79
C ILE B 478 9.54 4.64 19.42
N LEU B 479 10.73 4.85 18.84
CA LEU B 479 11.08 4.24 17.54
C LEU B 479 11.11 2.70 17.56
N GLU B 480 11.47 2.13 18.71
CA GLU B 480 11.46 0.67 18.89
C GLU B 480 10.04 0.09 18.94
N ARG B 481 9.11 0.81 19.59
CA ARG B 481 7.75 0.32 19.82
C ARG B 481 6.79 0.49 18.62
N ILE B 482 7.04 1.47 17.76
CA ILE B 482 6.17 1.74 16.59
C ILE B 482 6.09 0.62 15.54
N LYS B 483 7.08 -0.28 15.50
CA LYS B 483 7.05 -1.44 14.61
C LYS B 483 5.88 -2.38 14.89
N ALA B 484 5.57 -2.58 16.17
CA ALA B 484 4.44 -3.41 16.59
C ALA B 484 3.07 -2.81 16.23
N GLU B 485 2.99 -1.48 16.13
CA GLU B 485 1.74 -0.78 15.80
C GLU B 485 1.43 -0.71 14.29
N GLY B 486 2.33 -1.23 13.46
CA GLY B 486 2.15 -1.23 12.00
C GLY B 486 2.78 -0.04 11.29
N ILE B 487 3.86 0.50 11.86
CA ILE B 487 4.61 1.61 11.28
C ILE B 487 6.06 1.13 11.11
N ILE B 488 6.37 0.63 9.91
CA ILE B 488 7.67 0.05 9.59
C ILE B 488 8.60 1.14 9.10
N TYR B 489 9.85 1.12 9.57
CA TYR B 489 10.90 1.99 9.04
C TYR B 489 12.22 1.22 8.88
N THR B 490 12.94 1.51 7.78
CA THR B 490 14.16 0.79 7.41
C THR B 490 15.34 1.73 7.22
N THR B 491 16.54 1.16 7.22
CA THR B 491 17.79 1.91 7.11
C THR B 491 18.75 1.22 6.12
N GLN B 492 19.48 2.04 5.36
CA GLN B 492 20.48 1.56 4.41
C GLN B 492 21.64 2.54 4.34
N SER B 493 22.86 2.01 4.14
CA SER B 493 24.08 2.81 4.16
C SER B 493 25.13 2.26 3.20
N THR B 494 25.84 3.16 2.53
CA THR B 494 26.93 2.79 1.60
C THR B 494 28.08 3.80 1.69
N ILE B 495 29.30 3.29 1.52
CA ILE B 495 30.51 4.12 1.57
C ILE B 495 30.87 4.57 0.15
N LYS B 496 31.30 5.83 0.02
CA LYS B 496 31.69 6.41 -1.27
C LYS B 496 32.99 7.20 -1.10
N PRO B 497 34.14 6.63 -1.53
CA PRO B 497 35.41 7.36 -1.50
C PRO B 497 35.45 8.54 -2.49
#